data_1SDD
#
_entry.id   1SDD
#
_cell.length_a   63.370
_cell.length_b   86.560
_cell.length_c   229.200
_cell.angle_alpha   90.00
_cell.angle_beta   90.00
_cell.angle_gamma   90.00
#
_symmetry.space_group_name_H-M   'P 21 21 21'
#
loop_
_entity.id
_entity.type
_entity.pdbx_description
1 polymer 'Coagulation factor V'
2 polymer 'Coagulation factor V'
3 non-polymer 2-acetamido-2-deoxy-beta-D-glucopyranose
4 non-polymer 'CALCIUM ION'
5 non-polymer 'COPPER (II) ION'
6 water water
#
loop_
_entity_poly.entity_id
_entity_poly.type
_entity_poly.pdbx_seq_one_letter_code
_entity_poly.pdbx_strand_id
1 'polypeptide(L)'
;AKLRQFYVAAQSIRWNYRPESTHLSSKPFETSFKKIVYREYEAYFQKEKPQSRTSGLLGPTLYAEVGDIMKVHFKNKAHK
PLSIHAQGIKYSKFSEGASYSDHTLPMEKMDDAVAPGQEYTYEWIISEHSGPTHDDPPCLTHIYYSYVNLVEDFNSGLIG
PLLICKKGTLTEDGTQKMFEKQHVLMFAVFDESKSWNQTSSLMYTVNGYVNGTMPDITVCAHDHISWHLIGMSSGPELFS
IHFNGQVLEQNHHKISAITLVSATSTTANMTVSPEGRWTIASLIPRHFQAGMQAYIDIKNCAKKTR
;
A
2 'polypeptide(L)'
;SNTGNRKYYYIAAEEISWDYSKFVQSDDVDYVPEDTVYKKVVFRKYLDSTFTKLDPQGEYEEHLGILGPVIRAEVDDVIQ
VRFKNLASRPYSLHAHGLSYEKSSEGKTYEDDSPEWFKEDNAIQPNKTYTYVWHATTRSGPENPGSACRAWAYYSAVNPE
KDIHSGLIGPLLICRKGTLDKETNMPVDMREFVLLFMVFDEKKSWYYDKKPTRSWRRASSEVKNSHEFHAINGMIYNLPG
LRMYEQEWVRLHLLNLGGSRDIHVVHFHGQTLLENGTQQHQLGVWPLLPGSFKTLEMKASKPGWWLLDTEVGEIQRAGMQ
TPFLIVDRECKMPMGLSTGLIADSQIQASEFWGYWEPKLARLNNGGSYNAWIAEKLSTEFNPEPWIQVDMQKEVLLTGIQ
TQGAKHYLKPYYTTEFCVAYSLDRKNWRIFKGNSTRNVMYFGGNSDASTIKENQIDPPVVARYIRISPTGSYNKPALRLE
LQGCEVNGCSTPLGMESGKIENKQITASSFKKSWWGNYWEPFLARLNAQGRVNAWQAKANNNNQWLQIDLLKIKKITAIV
TQGCKSLSSEMYVKSYTIHYSDQGTDWKPYREKSSMVDKIFEGNNNVRGHVKNFFNPPIISRFIRIIPKTWNQSIALRLE
LFGCDMY
;
B
#
loop_
_chem_comp.id
_chem_comp.type
_chem_comp.name
_chem_comp.formula
CA non-polymer 'CALCIUM ION' 'Ca 2'
CU non-polymer 'COPPER (II) ION' 'Cu 2'
NAG D-saccharide, beta linking 2-acetamido-2-deoxy-beta-D-glucopyranose 'C8 H15 N O6'
#
# COMPACT_ATOMS: atom_id res chain seq x y z
N ALA A 1 -16.36 -24.68 0.62
CA ALA A 1 -15.90 -23.40 1.23
C ALA A 1 -16.13 -23.41 2.75
N LYS A 2 -15.62 -24.45 3.41
CA LYS A 2 -15.78 -24.58 4.85
C LYS A 2 -15.15 -23.46 5.66
N LEU A 3 -15.16 -23.64 6.98
CA LEU A 3 -14.59 -22.68 7.91
C LEU A 3 -13.63 -23.45 8.81
N ARG A 4 -12.44 -22.91 9.03
CA ARG A 4 -11.46 -23.58 9.88
C ARG A 4 -11.40 -22.92 11.25
N GLN A 5 -11.07 -23.70 12.27
CA GLN A 5 -10.98 -23.18 13.62
C GLN A 5 -9.69 -23.60 14.29
N PHE A 6 -9.19 -22.76 15.19
CA PHE A 6 -7.97 -23.05 15.93
C PHE A 6 -8.06 -22.24 17.20
N TYR A 7 -7.44 -22.74 18.26
CA TYR A 7 -7.45 -22.05 19.53
C TYR A 7 -6.06 -21.99 20.14
N VAL A 8 -5.05 -21.84 19.30
CA VAL A 8 -3.66 -21.77 19.74
C VAL A 8 -3.45 -20.63 20.74
N ALA A 9 -2.51 -20.83 21.66
CA ALA A 9 -2.21 -19.84 22.69
C ALA A 9 -0.71 -19.71 22.95
N ALA A 10 -0.33 -18.66 23.65
CA ALA A 10 1.06 -18.40 23.97
C ALA A 10 1.30 -18.71 25.44
N GLN A 11 2.41 -19.37 25.74
CA GLN A 11 2.74 -19.75 27.12
C GLN A 11 4.23 -20.04 27.28
N SER A 12 4.76 -19.72 28.46
CA SER A 12 6.17 -19.97 28.75
C SER A 12 6.33 -21.41 29.19
N ILE A 13 7.44 -22.01 28.79
CA ILE A 13 7.73 -23.40 29.14
C ILE A 13 9.24 -23.62 29.17
N ARG A 14 9.71 -24.28 30.23
CA ARG A 14 11.13 -24.57 30.36
C ARG A 14 11.49 -25.31 29.06
N TRP A 15 12.77 -25.41 28.73
CA TRP A 15 13.13 -26.13 27.51
C TRP A 15 14.59 -26.52 27.36
N ASN A 16 14.81 -27.78 26.97
CA ASN A 16 16.15 -28.33 26.73
C ASN A 16 17.04 -27.34 26.00
N THR A 31 21.56 -27.09 28.84
CA THR A 31 20.53 -27.21 29.88
C THR A 31 19.22 -26.58 29.46
N SER A 32 18.44 -26.13 30.46
CA SER A 32 17.13 -25.53 30.19
C SER A 32 17.10 -24.01 30.40
N PHE A 33 16.09 -23.40 29.79
CA PHE A 33 15.86 -21.96 29.86
C PHE A 33 14.35 -21.71 29.92
N LYS A 34 13.96 -20.52 30.34
CA LYS A 34 12.54 -20.17 30.38
C LYS A 34 12.21 -19.58 29.01
N LYS A 35 11.41 -20.31 28.23
CA LYS A 35 11.06 -19.85 26.88
C LYS A 35 9.56 -19.82 26.60
N ILE A 36 9.17 -19.18 25.51
CA ILE A 36 7.77 -19.06 25.13
C ILE A 36 7.52 -19.78 23.82
N VAL A 37 6.36 -20.41 23.69
CA VAL A 37 6.03 -21.13 22.48
C VAL A 37 4.53 -21.08 22.25
N TYR A 38 4.11 -21.28 21.01
CA TYR A 38 2.68 -21.29 20.69
C TYR A 38 2.20 -22.72 20.85
N ARG A 39 1.04 -22.90 21.49
CA ARG A 39 0.50 -24.25 21.67
C ARG A 39 -0.95 -24.33 21.18
N GLU A 40 -1.23 -25.43 20.49
CA GLU A 40 -2.54 -25.70 19.90
C GLU A 40 -3.81 -25.43 20.73
N TYR A 41 -3.98 -26.16 21.84
CA TYR A 41 -5.18 -26.02 22.67
C TYR A 41 -6.43 -26.33 21.85
N GLU A 42 -7.52 -26.70 22.52
CA GLU A 42 -8.74 -27.06 21.80
C GLU A 42 -10.00 -26.40 22.36
N ALA A 43 -11.14 -26.84 21.85
CA ALA A 43 -12.46 -26.34 22.26
C ALA A 43 -12.45 -24.88 22.68
N TYR A 44 -12.54 -24.64 23.99
CA TYR A 44 -12.54 -23.27 24.51
C TYR A 44 -11.32 -23.09 25.43
N PHE A 45 -10.22 -23.74 25.05
CA PHE A 45 -8.95 -23.69 25.78
C PHE A 45 -8.93 -24.57 27.03
N GLN A 46 -9.34 -25.84 26.88
CA GLN A 46 -9.36 -26.79 27.99
C GLN A 46 -7.98 -27.42 28.21
N LYS A 47 -7.40 -27.95 27.14
CA LYS A 47 -6.09 -28.59 27.20
C LYS A 47 -5.47 -28.71 25.81
N GLU A 48 -4.15 -28.95 25.76
CA GLU A 48 -3.43 -29.08 24.51
C GLU A 48 -3.04 -30.54 24.26
N LYS A 49 -2.70 -30.85 23.01
CA LYS A 49 -2.30 -32.21 22.65
C LYS A 49 -0.90 -32.16 22.03
N PRO A 50 0.12 -31.81 22.84
CA PRO A 50 1.52 -31.70 22.41
C PRO A 50 1.98 -32.71 21.34
N GLN A 51 3.22 -32.57 20.90
CA GLN A 51 3.77 -33.45 19.88
C GLN A 51 5.26 -33.65 20.12
N SER A 52 5.59 -34.66 20.91
CA SER A 52 6.96 -34.98 21.24
C SER A 52 7.80 -35.27 20.00
N ARG A 53 7.22 -36.01 19.06
CA ARG A 53 7.94 -36.36 17.83
C ARG A 53 8.40 -35.13 17.05
N THR A 54 9.64 -34.70 17.33
CA THR A 54 10.26 -33.53 16.71
C THR A 54 9.47 -32.29 17.09
N SER A 55 9.21 -31.42 16.12
CA SER A 55 8.45 -30.20 16.37
C SER A 55 8.80 -29.60 17.74
N GLY A 56 10.11 -29.53 18.04
CA GLY A 56 10.57 -29.00 19.31
C GLY A 56 9.88 -27.73 19.74
N LEU A 57 10.57 -26.60 19.60
CA LEU A 57 10.00 -25.31 19.96
C LEU A 57 8.94 -24.87 18.95
N LEU A 58 9.01 -25.43 17.75
CA LEU A 58 8.07 -25.11 16.68
C LEU A 58 6.63 -25.03 17.21
N GLY A 59 5.94 -23.95 16.88
CA GLY A 59 4.57 -23.80 17.35
C GLY A 59 3.66 -24.79 16.65
N PRO A 60 2.33 -24.54 16.65
CA PRO A 60 1.39 -25.45 16.01
C PRO A 60 1.72 -25.71 14.54
N THR A 61 0.72 -25.46 13.70
CA THR A 61 0.80 -25.64 12.25
C THR A 61 -0.57 -25.28 11.73
N LEU A 62 -0.76 -24.00 11.40
CA LEU A 62 -2.05 -23.54 10.90
C LEU A 62 -2.19 -23.83 9.40
N TYR A 63 -3.38 -24.25 8.98
CA TYR A 63 -3.64 -24.56 7.58
C TYR A 63 -5.08 -24.31 7.15
N ALA A 64 -5.25 -24.06 5.86
CA ALA A 64 -6.57 -23.81 5.30
C ALA A 64 -6.55 -23.98 3.79
N GLU A 65 -7.71 -23.80 3.18
CA GLU A 65 -7.84 -23.93 1.74
C GLU A 65 -8.54 -22.69 1.18
N VAL A 66 -8.25 -22.39 -0.08
CA VAL A 66 -8.83 -21.25 -0.75
C VAL A 66 -10.33 -21.22 -0.43
N GLY A 67 -10.82 -20.06 0.01
CA GLY A 67 -12.22 -19.92 0.35
C GLY A 67 -12.54 -20.13 1.82
N ASP A 68 -11.74 -20.94 2.49
CA ASP A 68 -11.97 -21.23 3.92
C ASP A 68 -11.79 -20.01 4.82
N ILE A 69 -12.90 -19.42 5.25
CA ILE A 69 -12.84 -18.27 6.15
C ILE A 69 -12.39 -18.75 7.53
N MET A 70 -11.09 -19.05 7.67
CA MET A 70 -10.58 -19.55 8.94
C MET A 70 -10.63 -18.48 10.04
N LYS A 71 -10.61 -18.93 11.29
CA LYS A 71 -10.66 -18.03 12.43
C LYS A 71 -9.71 -18.53 13.51
N VAL A 72 -8.62 -17.80 13.73
CA VAL A 72 -7.63 -18.19 14.73
C VAL A 72 -7.81 -17.50 16.07
N HIS A 73 -8.16 -18.27 17.10
CA HIS A 73 -8.34 -17.73 18.43
C HIS A 73 -6.98 -17.74 19.14
N PHE A 74 -6.61 -16.60 19.73
CA PHE A 74 -5.33 -16.49 20.42
C PHE A 74 -5.54 -16.12 21.89
N LYS A 75 -4.84 -16.82 22.78
CA LYS A 75 -4.91 -16.56 24.22
C LYS A 75 -3.49 -16.49 24.76
N ASN A 76 -3.03 -15.28 25.09
CA ASN A 76 -1.69 -15.08 25.59
C ASN A 76 -1.59 -15.42 27.07
N LYS A 77 -0.48 -16.08 27.43
CA LYS A 77 -0.25 -16.45 28.82
C LYS A 77 1.19 -16.13 29.24
N ALA A 78 2.00 -15.67 28.29
CA ALA A 78 3.39 -15.32 28.59
C ALA A 78 3.45 -14.04 29.41
N HIS A 79 4.65 -13.54 29.68
CA HIS A 79 4.77 -12.32 30.48
C HIS A 79 5.10 -11.06 29.68
N LYS A 80 4.77 -11.09 28.40
CA LYS A 80 4.99 -9.95 27.51
C LYS A 80 3.87 -9.97 26.49
N PRO A 81 3.32 -8.79 26.17
CA PRO A 81 2.24 -8.77 25.17
C PRO A 81 2.77 -9.33 23.85
N LEU A 82 1.92 -10.05 23.13
CA LEU A 82 2.32 -10.66 21.86
C LEU A 82 1.19 -10.61 20.85
N SER A 83 1.40 -11.22 19.69
CA SER A 83 0.40 -11.25 18.62
C SER A 83 0.67 -12.38 17.63
N ILE A 84 -0.27 -12.57 16.71
CA ILE A 84 -0.16 -13.59 15.67
C ILE A 84 0.13 -12.87 14.37
N HIS A 85 1.35 -12.99 13.85
CA HIS A 85 1.67 -12.31 12.60
C HIS A 85 1.90 -13.27 11.44
N ALA A 86 0.82 -13.64 10.78
CA ALA A 86 0.90 -14.55 9.66
C ALA A 86 1.58 -13.86 8.50
N GLN A 87 2.60 -14.50 7.93
CA GLN A 87 3.25 -13.90 6.78
C GLN A 87 2.90 -14.68 5.54
N GLY A 88 1.66 -14.54 5.07
CA GLY A 88 1.22 -15.22 3.86
C GLY A 88 -0.25 -15.03 3.53
N ILE A 89 -0.92 -14.13 4.23
CA ILE A 89 -2.35 -13.92 3.99
C ILE A 89 -2.78 -12.47 3.81
N LYS A 90 -3.87 -12.29 3.05
CA LYS A 90 -4.38 -10.95 2.81
C LYS A 90 -5.34 -10.56 3.93
N TYR A 91 -4.77 -10.17 5.06
CA TYR A 91 -5.57 -9.79 6.21
C TYR A 91 -6.03 -8.34 6.18
N SER A 92 -6.72 -7.94 7.23
CA SER A 92 -7.21 -6.58 7.34
C SER A 92 -6.51 -6.00 8.54
N LYS A 93 -6.73 -4.72 8.79
CA LYS A 93 -6.07 -4.06 9.88
C LYS A 93 -6.35 -4.64 11.26
N PHE A 94 -7.55 -5.15 11.45
CA PHE A 94 -7.92 -5.72 12.75
C PHE A 94 -7.66 -7.22 12.78
N SER A 95 -6.81 -7.69 11.87
CA SER A 95 -6.47 -9.11 11.80
C SER A 95 -5.04 -9.29 11.33
N GLU A 96 -4.32 -8.19 11.18
CA GLU A 96 -2.92 -8.22 10.74
C GLU A 96 -2.03 -8.85 11.80
N GLY A 97 -1.72 -8.09 12.86
CA GLY A 97 -0.89 -8.58 13.93
C GLY A 97 0.42 -7.83 14.11
N ALA A 98 0.42 -6.57 13.67
CA ALA A 98 1.60 -5.75 13.75
C ALA A 98 1.25 -4.34 14.22
N SER A 99 2.26 -3.63 14.73
CA SER A 99 2.04 -2.27 15.19
C SER A 99 3.02 -1.31 14.56
N TYR A 100 2.46 -0.27 13.95
CA TYR A 100 3.18 0.83 13.32
C TYR A 100 2.17 1.91 13.01
N SER A 101 2.66 3.08 12.63
CA SER A 101 1.78 4.18 12.31
C SER A 101 1.01 3.90 11.05
N ASP A 102 -0.13 3.23 11.18
CA ASP A 102 -0.98 2.92 10.03
C ASP A 102 -2.21 3.82 10.11
N HIS A 103 -2.19 4.71 11.11
CA HIS A 103 -3.24 5.69 11.35
C HIS A 103 -4.63 5.12 11.65
N THR A 104 -4.71 3.83 11.99
CA THR A 104 -6.00 3.21 12.27
C THR A 104 -6.48 3.56 13.67
N LEU A 105 -7.77 3.34 13.92
CA LEU A 105 -8.37 3.62 15.22
C LEU A 105 -8.19 2.43 16.16
N PRO A 106 -8.22 2.66 17.49
CA PRO A 106 -8.04 1.61 18.51
C PRO A 106 -8.84 0.33 18.29
N MET A 107 -10.05 0.44 17.76
CA MET A 107 -10.82 -0.75 17.51
C MET A 107 -10.00 -1.68 16.60
N GLU A 108 -9.15 -1.07 15.79
CA GLU A 108 -8.30 -1.82 14.86
C GLU A 108 -6.87 -2.02 15.37
N LYS A 109 -6.56 -1.43 16.52
CA LYS A 109 -5.24 -1.52 17.13
C LYS A 109 -5.17 -2.71 18.08
N MET A 110 -6.32 -3.16 18.53
CA MET A 110 -6.37 -4.26 19.48
C MET A 110 -6.28 -5.63 18.80
N ASP A 111 -5.30 -5.78 17.92
CA ASP A 111 -5.06 -7.04 17.22
C ASP A 111 -3.55 -7.09 17.02
N ASP A 112 -2.93 -5.94 17.27
CA ASP A 112 -1.50 -5.79 17.13
C ASP A 112 -0.80 -6.31 18.38
N ALA A 113 -1.29 -5.89 19.54
CA ALA A 113 -0.74 -6.29 20.82
C ALA A 113 -1.81 -6.86 21.75
N VAL A 114 -1.64 -8.11 22.15
CA VAL A 114 -2.57 -8.79 23.04
C VAL A 114 -1.86 -8.92 24.39
N ALA A 115 -2.36 -8.20 25.39
CA ALA A 115 -1.78 -8.20 26.72
C ALA A 115 -1.72 -9.54 27.46
N PRO A 116 -0.69 -9.72 28.31
CA PRO A 116 -0.48 -10.94 29.09
C PRO A 116 -1.71 -11.39 29.85
N GLY A 117 -2.51 -12.26 29.24
CA GLY A 117 -3.71 -12.74 29.91
C GLY A 117 -4.99 -12.51 29.14
N GLN A 118 -4.91 -11.78 28.03
CA GLN A 118 -6.10 -11.51 27.22
C GLN A 118 -6.16 -12.46 26.03
N GLU A 119 -7.35 -12.62 25.45
CA GLU A 119 -7.52 -13.49 24.31
C GLU A 119 -8.37 -12.89 23.19
N TYR A 120 -7.78 -12.73 22.02
CA TYR A 120 -8.49 -12.21 20.87
C TYR A 120 -8.42 -13.13 19.68
N THR A 121 -9.36 -12.99 18.76
CA THR A 121 -9.44 -13.87 17.61
C THR A 121 -9.19 -13.24 16.23
N TYR A 122 -8.06 -13.60 15.63
CA TYR A 122 -7.70 -13.12 14.31
C TYR A 122 -8.56 -13.84 13.27
N GLU A 123 -9.24 -13.07 12.43
CA GLU A 123 -10.12 -13.62 11.40
C GLU A 123 -9.53 -13.41 10.00
N TRP A 124 -9.00 -14.49 9.39
CA TRP A 124 -8.40 -14.39 8.05
C TRP A 124 -9.23 -14.99 6.92
N ILE A 125 -9.65 -14.13 5.99
CA ILE A 125 -10.44 -14.56 4.86
C ILE A 125 -9.55 -14.97 3.69
N ILE A 126 -8.81 -16.06 3.85
CA ILE A 126 -7.93 -16.56 2.79
C ILE A 126 -8.71 -16.72 1.49
N SER A 127 -8.48 -15.81 0.55
CA SER A 127 -9.18 -15.80 -0.73
C SER A 127 -8.48 -16.52 -1.88
N GLU A 128 -9.14 -16.54 -3.03
CA GLU A 128 -8.61 -17.19 -4.21
C GLU A 128 -7.29 -16.65 -4.69
N HIS A 129 -7.26 -15.37 -5.06
CA HIS A 129 -6.03 -14.75 -5.55
C HIS A 129 -5.02 -14.42 -4.46
N SER A 130 -5.02 -15.23 -3.40
CA SER A 130 -4.10 -15.04 -2.29
C SER A 130 -3.48 -16.38 -1.93
N GLY A 131 -3.76 -17.37 -2.78
CA GLY A 131 -3.25 -18.71 -2.56
C GLY A 131 -2.35 -19.24 -3.66
N PRO A 132 -2.05 -20.56 -3.64
CA PRO A 132 -1.18 -21.23 -4.62
C PRO A 132 -1.50 -20.87 -6.06
N THR A 133 -0.50 -21.06 -6.92
CA THR A 133 -0.68 -20.80 -8.34
C THR A 133 -1.20 -22.12 -8.89
N HIS A 134 -0.64 -22.54 -10.02
CA HIS A 134 -1.02 -23.80 -10.63
C HIS A 134 0.25 -24.58 -10.93
N ASP A 135 1.33 -23.84 -11.10
CA ASP A 135 2.64 -24.40 -11.41
C ASP A 135 3.46 -24.60 -10.13
N ASP A 136 2.84 -24.36 -8.98
CA ASP A 136 3.52 -24.50 -7.70
C ASP A 136 2.95 -25.65 -6.87
N PRO A 137 3.64 -26.02 -5.77
CA PRO A 137 3.20 -27.12 -4.91
C PRO A 137 1.69 -27.13 -4.62
N PRO A 138 1.14 -28.28 -4.21
CA PRO A 138 -0.29 -28.36 -3.93
C PRO A 138 -0.66 -27.50 -2.73
N CYS A 139 0.35 -27.17 -1.93
CA CYS A 139 0.12 -26.33 -0.77
C CYS A 139 1.31 -25.44 -0.42
N LEU A 140 1.09 -24.14 -0.43
CA LEU A 140 2.14 -23.18 -0.12
C LEU A 140 2.47 -23.15 1.37
N THR A 141 3.76 -22.99 1.67
CA THR A 141 4.20 -22.96 3.06
C THR A 141 4.63 -21.57 3.47
N HIS A 142 4.05 -21.10 4.58
CA HIS A 142 4.39 -19.79 5.10
C HIS A 142 4.69 -19.97 6.58
N ILE A 143 4.92 -18.87 7.27
CA ILE A 143 5.25 -18.92 8.68
C ILE A 143 4.61 -17.77 9.45
N TYR A 144 4.51 -17.90 10.76
CA TYR A 144 3.95 -16.82 11.59
C TYR A 144 4.80 -16.68 12.84
N TYR A 145 4.63 -15.56 13.52
CA TYR A 145 5.42 -15.26 14.71
C TYR A 145 4.79 -14.03 15.33
N SER A 146 5.39 -13.52 16.40
CA SER A 146 4.83 -12.36 17.06
C SER A 146 5.57 -11.11 16.61
N TYR A 147 4.82 -10.13 16.12
CA TYR A 147 5.41 -8.89 15.64
C TYR A 147 5.70 -7.91 16.78
N VAL A 148 4.89 -7.96 17.84
CA VAL A 148 5.04 -7.07 18.99
C VAL A 148 6.48 -6.76 19.34
N ASN A 149 7.36 -7.70 19.00
CA ASN A 149 8.80 -7.57 19.17
C ASN A 149 9.37 -8.68 18.33
N LEU A 150 10.12 -8.32 17.30
CA LEU A 150 10.65 -9.32 16.39
C LEU A 150 11.86 -10.11 16.87
N VAL A 151 12.85 -9.43 17.44
CA VAL A 151 14.04 -10.12 17.90
C VAL A 151 13.80 -10.98 19.15
N GLU A 152 12.93 -10.51 20.03
CA GLU A 152 12.61 -11.27 21.24
C GLU A 152 11.71 -12.43 20.88
N ASP A 153 10.41 -12.17 20.86
CA ASP A 153 9.39 -13.17 20.56
C ASP A 153 9.91 -14.44 19.86
N PHE A 154 10.46 -14.30 18.66
CA PHE A 154 10.96 -15.47 17.94
C PHE A 154 11.93 -16.25 18.79
N ASN A 155 13.04 -15.60 19.15
CA ASN A 155 14.07 -16.22 19.97
C ASN A 155 13.52 -16.93 21.21
N SER A 156 12.59 -16.27 21.90
CA SER A 156 11.97 -16.84 23.09
C SER A 156 11.15 -18.10 22.72
N GLY A 157 11.36 -18.60 21.51
CA GLY A 157 10.67 -19.80 21.06
C GLY A 157 9.42 -19.64 20.20
N LEU A 158 8.92 -18.42 20.05
CA LEU A 158 7.72 -18.17 19.27
C LEU A 158 7.94 -18.31 17.76
N ILE A 159 7.00 -19.01 17.09
CA ILE A 159 7.07 -19.23 15.64
C ILE A 159 6.07 -20.33 15.27
N GLY A 160 5.76 -20.49 13.98
CA GLY A 160 4.80 -21.52 13.60
C GLY A 160 4.36 -21.54 12.13
N PRO A 161 4.45 -22.69 11.46
CA PRO A 161 4.09 -22.90 10.06
C PRO A 161 2.65 -22.64 9.70
N LEU A 162 2.44 -22.08 8.50
CA LEU A 162 1.10 -21.80 8.01
C LEU A 162 1.04 -22.42 6.62
N LEU A 163 -0.08 -23.03 6.28
CA LEU A 163 -0.21 -23.68 4.98
C LEU A 163 -1.52 -23.39 4.26
N ILE A 164 -1.41 -22.72 3.12
CA ILE A 164 -2.58 -22.39 2.31
C ILE A 164 -2.60 -23.37 1.15
N CYS A 165 -3.67 -24.15 1.05
CA CYS A 165 -3.78 -25.15 0.00
C CYS A 165 -4.86 -24.89 -1.06
N LYS A 166 -4.91 -25.75 -2.08
CA LYS A 166 -5.86 -25.63 -3.17
C LYS A 166 -7.14 -26.45 -2.99
N LYS A 167 -8.05 -26.35 -3.95
CA LYS A 167 -9.33 -27.06 -3.91
C LYS A 167 -9.19 -28.56 -3.65
N GLY A 168 -9.88 -29.04 -2.62
CA GLY A 168 -9.82 -30.45 -2.28
C GLY A 168 -8.41 -31.03 -2.26
N THR A 169 -7.53 -30.40 -1.47
CA THR A 169 -6.14 -30.84 -1.36
C THR A 169 -5.79 -31.05 0.11
N LEU A 170 -6.60 -30.47 0.99
CA LEU A 170 -6.37 -30.60 2.41
C LEU A 170 -7.42 -31.56 2.95
N THR A 171 -7.13 -32.19 4.08
CA THR A 171 -8.05 -33.15 4.67
C THR A 171 -9.07 -32.44 5.57
N GLU A 172 -10.22 -33.07 5.77
CA GLU A 172 -11.26 -32.50 6.62
C GLU A 172 -10.84 -32.52 8.08
N ASP A 173 -9.71 -33.19 8.35
CA ASP A 173 -9.16 -33.31 9.70
C ASP A 173 -7.82 -32.59 9.84
N GLY A 174 -7.52 -31.72 8.91
CA GLY A 174 -6.26 -30.98 8.96
C GLY A 174 -5.05 -31.85 8.69
N THR A 175 -4.90 -32.30 7.45
CA THR A 175 -3.77 -33.14 7.04
C THR A 175 -3.63 -33.12 5.53
N GLN A 176 -2.42 -33.40 5.05
CA GLN A 176 -2.15 -33.43 3.61
C GLN A 176 -3.06 -34.49 2.97
N LYS A 177 -3.50 -34.24 1.74
CA LYS A 177 -4.37 -35.19 1.05
C LYS A 177 -3.62 -36.29 0.31
N MET A 178 -3.78 -36.33 -1.00
CA MET A 178 -3.14 -37.33 -1.86
C MET A 178 -1.62 -37.32 -1.79
N PHE A 179 -1.08 -36.87 -0.67
CA PHE A 179 0.36 -36.79 -0.48
C PHE A 179 0.71 -37.39 0.88
N GLU A 180 0.01 -36.91 1.92
CA GLU A 180 0.15 -37.36 3.30
C GLU A 180 1.54 -37.66 3.86
N LYS A 181 1.72 -37.32 5.13
CA LYS A 181 2.98 -37.52 5.86
C LYS A 181 4.10 -36.54 5.51
N GLN A 182 3.78 -35.26 5.45
CA GLN A 182 4.77 -34.23 5.17
C GLN A 182 5.22 -33.68 6.53
N HIS A 183 6.52 -33.45 6.68
CA HIS A 183 7.04 -32.92 7.94
C HIS A 183 7.29 -31.42 7.90
N VAL A 184 7.84 -30.88 8.98
CA VAL A 184 8.11 -29.46 9.06
C VAL A 184 9.40 -29.15 9.80
N LEU A 185 10.54 -29.25 9.11
CA LEU A 185 11.84 -28.96 9.68
C LEU A 185 12.02 -27.45 9.75
N MET A 186 12.60 -26.95 10.84
CA MET A 186 12.81 -25.51 11.00
C MET A 186 14.25 -25.13 11.32
N PHE A 187 15.15 -25.41 10.39
CA PHE A 187 16.55 -25.05 10.60
C PHE A 187 16.61 -23.59 11.05
N ALA A 188 16.57 -23.38 12.36
CA ALA A 188 16.57 -22.03 12.91
C ALA A 188 17.55 -21.85 14.06
N VAL A 189 18.57 -21.01 13.85
CA VAL A 189 19.55 -20.77 14.90
C VAL A 189 18.99 -19.78 15.93
N PHE A 190 19.14 -20.13 17.21
CA PHE A 190 18.67 -19.25 18.28
C PHE A 190 19.86 -18.65 19.01
N ASP A 191 19.60 -17.57 19.73
CA ASP A 191 20.62 -16.87 20.50
C ASP A 191 19.93 -16.32 21.73
N GLU A 192 19.99 -17.08 22.82
CA GLU A 192 19.38 -16.69 24.08
C GLU A 192 19.85 -15.32 24.60
N SER A 193 20.96 -14.83 24.05
CA SER A 193 21.51 -13.54 24.45
C SER A 193 20.54 -12.44 24.05
N LYS A 194 19.78 -12.71 22.99
CA LYS A 194 18.80 -11.76 22.47
C LYS A 194 17.41 -12.32 22.68
N SER A 195 16.89 -12.25 23.90
CA SER A 195 15.56 -12.79 24.14
C SER A 195 14.95 -12.35 25.47
N TRP A 196 14.32 -13.32 26.13
CA TRP A 196 13.67 -13.14 27.41
C TRP A 196 14.72 -12.77 28.45
N ASN A 197 15.70 -13.65 28.61
CA ASN A 197 16.79 -13.46 29.57
C ASN A 197 18.11 -13.11 28.93
N GLN A 198 18.96 -12.42 29.70
CA GLN A 198 20.28 -12.05 29.24
C GLN A 198 21.14 -13.29 29.41
N THR A 199 20.78 -14.35 28.70
CA THR A 199 21.51 -15.62 28.77
C THR A 199 22.33 -15.90 27.51
N SER A 200 23.64 -15.69 27.61
CA SER A 200 24.58 -15.90 26.51
C SER A 200 24.66 -17.35 26.04
N SER A 201 23.91 -17.69 24.99
CA SER A 201 23.91 -19.06 24.48
C SER A 201 23.53 -19.19 23.00
N LEU A 202 24.54 -19.31 22.13
CA LEU A 202 24.27 -19.47 20.71
C LEU A 202 23.77 -20.91 20.59
N MET A 203 23.18 -21.29 19.46
CA MET A 203 22.66 -22.65 19.35
C MET A 203 22.04 -23.05 18.02
N TYR A 204 22.87 -23.38 17.04
CA TYR A 204 22.38 -23.78 15.72
C TYR A 204 21.57 -25.06 15.85
N THR A 205 20.24 -24.93 15.89
CA THR A 205 19.36 -26.08 16.04
C THR A 205 18.66 -26.59 14.78
N VAL A 206 17.55 -27.30 15.01
CA VAL A 206 16.69 -27.89 13.98
C VAL A 206 15.39 -28.26 14.67
N ASN A 207 14.69 -27.23 15.18
CA ASN A 207 13.41 -27.36 15.91
C ASN A 207 13.69 -27.18 17.40
N GLY A 208 14.81 -26.54 17.68
CA GLY A 208 15.22 -26.28 19.05
C GLY A 208 16.34 -27.21 19.47
N TYR A 209 16.21 -28.47 19.08
CA TYR A 209 17.17 -29.50 19.41
C TYR A 209 18.51 -29.23 18.72
N VAL A 210 19.59 -29.31 19.48
CA VAL A 210 20.93 -29.07 18.95
C VAL A 210 21.49 -30.24 18.14
N ASN A 211 22.76 -30.55 18.39
CA ASN A 211 23.47 -31.64 17.71
C ASN A 211 22.66 -32.93 17.60
N GLY A 212 21.75 -33.13 18.55
CA GLY A 212 20.95 -34.34 18.55
C GLY A 212 19.68 -34.15 19.35
N THR A 213 19.28 -35.22 20.04
CA THR A 213 18.06 -35.19 20.86
C THR A 213 16.85 -34.65 20.12
N MET A 214 16.61 -35.17 18.92
CA MET A 214 15.47 -34.75 18.11
C MET A 214 14.82 -36.00 17.54
N PRO A 215 13.66 -36.39 18.09
CA PRO A 215 12.89 -37.57 17.66
C PRO A 215 12.63 -37.62 16.16
N ASP A 216 13.52 -38.28 15.42
CA ASP A 216 13.37 -38.39 13.97
C ASP A 216 12.19 -39.31 13.65
N ILE A 217 12.21 -39.91 12.47
CA ILE A 217 11.13 -40.81 12.07
C ILE A 217 11.48 -41.60 10.81
N THR A 218 11.56 -42.92 10.94
CA THR A 218 11.90 -43.79 9.81
C THR A 218 10.87 -43.62 8.69
N VAL A 219 11.26 -44.00 7.48
CA VAL A 219 10.40 -43.87 6.31
C VAL A 219 9.86 -45.19 5.77
N CYS A 220 8.70 -45.11 5.14
CA CYS A 220 8.04 -46.27 4.55
C CYS A 220 8.40 -46.32 3.07
N ALA A 221 9.69 -46.12 2.79
CA ALA A 221 10.20 -46.14 1.41
C ALA A 221 11.73 -46.05 1.42
N HIS A 228 7.90 -29.27 3.77
CA HIS A 228 7.50 -28.05 4.45
C HIS A 228 8.61 -27.51 5.36
N LEU A 229 9.65 -26.94 4.75
CA LEU A 229 10.79 -26.39 5.48
C LEU A 229 10.59 -24.92 5.86
N ILE A 230 11.37 -24.47 6.85
CA ILE A 230 11.33 -23.10 7.37
C ILE A 230 12.77 -22.77 7.70
N GLY A 231 13.10 -21.49 7.86
CA GLY A 231 14.48 -21.15 8.18
C GLY A 231 14.67 -19.85 8.94
N MET A 232 14.11 -19.77 10.14
CA MET A 232 14.23 -18.56 10.95
C MET A 232 15.64 -18.37 11.48
N SER A 233 15.93 -17.19 12.02
CA SER A 233 17.24 -16.92 12.59
C SER A 233 17.48 -15.49 13.04
N SER A 234 16.42 -14.67 13.03
CA SER A 234 16.49 -13.29 13.50
C SER A 234 17.52 -12.35 12.83
N GLY A 235 18.70 -12.86 12.53
CA GLY A 235 19.72 -12.04 11.88
C GLY A 235 19.95 -12.51 10.45
N PRO A 236 20.80 -11.84 9.67
CA PRO A 236 21.03 -12.27 8.29
C PRO A 236 21.44 -13.74 8.35
N GLU A 237 20.91 -14.57 7.46
CA GLU A 237 21.26 -15.99 7.48
C GLU A 237 20.70 -16.81 6.32
N LEU A 238 21.48 -17.81 5.90
CA LEU A 238 21.10 -18.72 4.81
C LEU A 238 21.37 -20.18 5.19
N PHE A 239 20.35 -21.02 5.07
CA PHE A 239 20.45 -22.44 5.40
C PHE A 239 20.43 -23.34 4.15
N SER A 240 21.37 -24.27 4.05
CA SER A 240 21.44 -25.18 2.90
C SER A 240 21.12 -26.62 3.30
N ILE A 241 19.85 -26.90 3.56
CA ILE A 241 19.41 -28.25 3.95
C ILE A 241 19.73 -29.28 2.88
N HIS A 242 20.69 -30.16 3.18
CA HIS A 242 21.08 -31.23 2.24
C HIS A 242 20.48 -32.57 2.67
N PHE A 243 19.52 -33.05 1.88
CA PHE A 243 18.86 -34.32 2.14
C PHE A 243 19.73 -35.45 1.59
N ASN A 244 19.49 -36.66 2.07
CA ASN A 244 20.22 -37.84 1.61
C ASN A 244 19.20 -38.88 1.12
N GLY A 245 18.49 -38.48 0.07
CA GLY A 245 17.47 -39.30 -0.54
C GLY A 245 16.78 -38.43 -1.56
N GLN A 246 16.79 -38.87 -2.82
CA GLN A 246 16.19 -38.13 -3.92
C GLN A 246 14.67 -37.92 -3.83
N VAL A 247 14.17 -37.58 -2.64
CA VAL A 247 12.74 -37.35 -2.43
C VAL A 247 12.41 -35.86 -2.54
N LEU A 248 13.42 -35.02 -2.72
CA LEU A 248 13.21 -33.58 -2.84
C LEU A 248 12.99 -33.20 -4.30
N GLU A 249 11.73 -33.03 -4.66
CA GLU A 249 11.33 -32.67 -6.01
C GLU A 249 10.66 -31.31 -6.02
N GLN A 250 11.34 -30.30 -6.54
CA GLN A 250 10.75 -28.95 -6.62
C GLN A 250 10.00 -28.79 -7.93
N ASN A 251 8.69 -28.85 -7.85
CA ASN A 251 7.81 -28.71 -9.01
C ASN A 251 7.94 -29.90 -9.95
N HIS A 252 8.57 -29.70 -11.09
CA HIS A 252 8.72 -30.78 -12.05
C HIS A 252 10.19 -31.08 -12.30
N HIS A 253 11.02 -30.93 -11.27
CA HIS A 253 12.44 -31.22 -11.39
C HIS A 253 13.14 -31.24 -10.03
N LYS A 254 13.99 -32.24 -9.85
CA LYS A 254 14.73 -32.42 -8.60
C LYS A 254 15.92 -31.50 -8.44
N ILE A 255 16.28 -31.25 -7.18
CA ILE A 255 17.41 -30.42 -6.83
C ILE A 255 18.23 -31.16 -5.77
N SER A 256 19.54 -31.10 -5.87
CA SER A 256 20.38 -31.78 -4.89
C SER A 256 19.96 -31.35 -3.48
N ALA A 257 20.04 -30.04 -3.23
CA ALA A 257 19.67 -29.49 -1.93
C ALA A 257 18.76 -28.27 -2.03
N ILE A 258 18.23 -27.87 -0.89
CA ILE A 258 17.35 -26.71 -0.80
C ILE A 258 18.06 -25.60 -0.03
N THR A 259 17.73 -24.35 -0.35
CA THR A 259 18.31 -23.21 0.34
C THR A 259 17.22 -22.34 0.95
N LEU A 260 17.47 -21.88 2.17
CA LEU A 260 16.53 -21.03 2.85
C LEU A 260 17.31 -19.87 3.46
N VAL A 261 16.59 -18.85 3.90
CA VAL A 261 17.21 -17.71 4.53
C VAL A 261 16.38 -17.31 5.73
N SER A 262 17.05 -16.63 6.65
CA SER A 262 16.48 -16.16 7.90
C SER A 262 14.97 -16.15 8.11
N ALA A 263 14.16 -15.86 7.10
CA ALA A 263 12.73 -15.89 7.35
C ALA A 263 11.92 -16.33 6.16
N THR A 264 12.46 -17.28 5.42
CA THR A 264 11.80 -17.79 4.22
C THR A 264 11.51 -19.28 4.22
N SER A 265 10.26 -19.66 4.46
CA SER A 265 9.87 -21.06 4.44
C SER A 265 9.70 -21.54 3.01
N THR A 266 9.55 -22.85 2.83
CA THR A 266 9.38 -23.43 1.50
C THR A 266 8.54 -24.70 1.52
N THR A 267 7.73 -24.89 0.48
CA THR A 267 6.87 -26.07 0.37
C THR A 267 7.35 -27.02 -0.73
N GLY A 276 13.52 -46.66 7.41
CA GLY A 276 14.62 -45.88 6.87
C GLY A 276 15.36 -45.09 7.93
N ARG A 277 16.66 -44.87 7.72
CA ARG A 277 17.47 -44.12 8.67
C ARG A 277 18.69 -43.44 8.03
N TRP A 278 18.56 -42.16 7.72
CA TRP A 278 19.64 -41.38 7.14
C TRP A 278 19.76 -40.00 7.80
N THR A 279 20.61 -39.14 7.27
CA THR A 279 20.80 -37.82 7.85
C THR A 279 20.46 -36.65 6.94
N ILE A 280 20.01 -35.56 7.56
CA ILE A 280 19.67 -34.33 6.85
C ILE A 280 20.51 -33.23 7.47
N ALA A 281 21.67 -32.96 6.85
CA ALA A 281 22.58 -31.93 7.35
C ALA A 281 22.72 -30.77 6.38
N SER A 282 23.26 -29.66 6.87
CA SER A 282 23.46 -28.47 6.05
C SER A 282 24.96 -28.22 5.88
N LEU A 283 25.52 -28.77 4.80
CA LEU A 283 26.96 -28.64 4.55
C LEU A 283 27.43 -27.19 4.40
N ILE A 284 27.47 -26.50 5.52
CA ILE A 284 27.92 -25.12 5.58
C ILE A 284 28.85 -25.05 6.77
N PRO A 285 30.08 -24.52 6.57
CA PRO A 285 31.14 -24.36 7.57
C PRO A 285 30.72 -24.01 9.00
N ARG A 286 29.44 -23.74 9.23
CA ARG A 286 28.96 -23.41 10.58
C ARG A 286 27.59 -24.03 10.91
N HIS A 287 27.17 -25.02 10.14
CA HIS A 287 25.88 -25.68 10.38
C HIS A 287 26.04 -27.17 10.65
N PHE A 288 26.78 -27.83 9.77
CA PHE A 288 27.04 -29.26 9.88
C PHE A 288 28.18 -29.49 10.88
N GLN A 289 29.02 -28.46 11.05
CA GLN A 289 30.15 -28.53 11.98
C GLN A 289 29.75 -27.96 13.33
N ALA A 290 28.45 -28.00 13.62
CA ALA A 290 27.92 -27.47 14.87
C ALA A 290 26.64 -28.17 15.32
N GLY A 291 26.34 -29.31 14.70
CA GLY A 291 25.16 -30.06 15.11
C GLY A 291 23.88 -30.00 14.31
N MET A 292 23.73 -29.03 13.40
CA MET A 292 22.51 -28.94 12.62
C MET A 292 22.36 -30.12 11.67
N GLN A 293 21.57 -31.11 12.10
CA GLN A 293 21.33 -32.30 11.29
C GLN A 293 20.10 -33.06 11.78
N ALA A 294 19.15 -33.27 10.88
CA ALA A 294 17.93 -33.98 11.23
C ALA A 294 17.90 -35.32 10.50
N TYR A 295 18.40 -36.35 11.17
CA TYR A 295 18.46 -37.71 10.64
C TYR A 295 17.09 -38.18 10.14
N ILE A 296 17.03 -38.59 8.87
CA ILE A 296 15.79 -39.08 8.28
C ILE A 296 15.24 -40.22 9.11
N ASN B 2 13.75 -3.76 -36.86
CA ASN B 2 14.39 -2.58 -37.54
C ASN B 2 14.35 -1.39 -36.58
N THR B 3 13.89 -1.68 -35.36
CA THR B 3 13.73 -0.72 -34.26
C THR B 3 14.94 0.15 -33.87
N GLY B 4 15.98 -0.47 -33.32
CA GLY B 4 17.17 0.27 -32.93
C GLY B 4 17.01 1.72 -32.49
N ASN B 5 15.87 2.08 -31.89
CA ASN B 5 15.62 3.44 -31.41
C ASN B 5 16.66 3.90 -30.39
N ARG B 6 17.20 5.10 -30.58
CA ARG B 6 18.20 5.63 -29.66
C ARG B 6 17.47 6.28 -28.51
N LYS B 7 17.87 5.96 -27.29
CA LYS B 7 17.26 6.57 -26.14
C LYS B 7 18.34 7.44 -25.50
N TYR B 8 18.14 8.76 -25.59
CA TYR B 8 19.09 9.73 -25.05
C TYR B 8 18.88 10.05 -23.57
N TYR B 9 19.99 10.06 -22.83
CA TYR B 9 20.00 10.36 -21.42
C TYR B 9 21.25 11.17 -21.18
N TYR B 10 21.10 12.24 -20.40
CA TYR B 10 22.20 13.10 -20.01
C TYR B 10 22.21 13.00 -18.50
N ILE B 11 23.10 12.17 -17.97
CA ILE B 11 23.20 11.95 -16.53
C ILE B 11 24.53 12.42 -15.96
N ALA B 12 24.50 13.08 -14.81
CA ALA B 12 25.75 13.54 -14.20
C ALA B 12 25.92 13.02 -12.79
N ALA B 13 27.17 12.97 -12.34
CA ALA B 13 27.48 12.53 -11.00
C ALA B 13 27.69 13.81 -10.20
N GLU B 14 26.95 13.97 -9.11
CA GLU B 14 27.04 15.18 -8.30
C GLU B 14 27.11 14.95 -6.79
N GLU B 15 27.79 15.88 -6.13
CA GLU B 15 27.95 15.84 -4.70
C GLU B 15 26.78 16.60 -4.09
N ILE B 16 26.16 16.01 -3.09
CA ILE B 16 25.02 16.61 -2.44
C ILE B 16 25.09 16.22 -0.98
N SER B 17 24.21 16.79 -0.15
CA SER B 17 24.19 16.36 1.24
C SER B 17 22.97 15.47 1.24
N TRP B 18 23.07 14.31 1.89
CA TRP B 18 21.95 13.40 1.92
C TRP B 18 21.51 13.11 3.34
N ASP B 19 20.24 13.33 3.62
CA ASP B 19 19.73 13.06 4.94
C ASP B 19 18.84 11.80 4.95
N TYR B 20 19.39 10.68 5.40
CA TYR B 20 18.62 9.46 5.54
C TYR B 20 17.64 9.91 6.61
N SER B 21 16.59 9.15 6.90
CA SER B 21 15.62 9.59 7.92
C SER B 21 14.81 10.89 7.70
N LYS B 22 15.31 11.83 6.90
CA LYS B 22 14.58 13.08 6.66
C LYS B 22 13.06 13.06 6.90
N PHE B 23 12.37 12.06 6.39
CA PHE B 23 10.92 11.96 6.58
C PHE B 23 10.50 11.10 7.75
N VAL B 24 11.30 11.05 8.81
CA VAL B 24 10.94 10.25 9.97
C VAL B 24 10.48 11.14 11.12
N PRO B 33 18.37 7.94 15.50
CA PRO B 33 18.71 8.89 14.44
C PRO B 33 19.43 10.14 14.96
N GLU B 34 18.83 11.32 14.74
CA GLU B 34 19.40 12.59 15.18
C GLU B 34 20.63 12.94 14.33
N ASP B 35 20.44 13.79 13.34
CA ASP B 35 21.52 14.17 12.43
C ASP B 35 22.13 12.98 11.66
N THR B 36 21.47 12.61 10.57
CA THR B 36 21.94 11.53 9.74
C THR B 36 22.20 12.07 8.31
N VAL B 37 22.92 13.17 8.19
CA VAL B 37 23.20 13.67 6.86
C VAL B 37 24.69 13.62 6.57
N TYR B 38 25.03 12.98 5.46
CA TYR B 38 26.41 12.82 5.03
C TYR B 38 26.59 13.31 3.63
N LYS B 39 27.81 13.74 3.32
CA LYS B 39 28.12 14.18 1.97
C LYS B 39 28.01 12.90 1.13
N LYS B 40 27.47 13.01 -0.08
CA LYS B 40 27.32 11.84 -0.95
C LYS B 40 27.42 12.23 -2.40
N VAL B 41 27.50 11.23 -3.27
CA VAL B 41 27.56 11.50 -4.70
C VAL B 41 26.51 10.64 -5.41
N VAL B 42 25.62 11.31 -6.13
CA VAL B 42 24.51 10.64 -6.81
C VAL B 42 24.37 10.88 -8.32
N PHE B 43 23.62 10.03 -8.99
CA PHE B 43 23.37 10.20 -10.42
C PHE B 43 22.20 11.15 -10.60
N ARG B 44 22.43 12.30 -11.22
CA ARG B 44 21.38 13.32 -11.43
C ARG B 44 21.01 13.46 -12.91
N LYS B 45 19.72 13.62 -13.21
CA LYS B 45 19.27 13.74 -14.60
C LYS B 45 19.17 15.16 -15.15
N TYR B 46 19.88 15.43 -16.26
CA TYR B 46 19.84 16.76 -16.85
C TYR B 46 19.00 16.80 -18.11
N LEU B 47 18.60 17.99 -18.51
CA LEU B 47 17.76 18.13 -19.67
C LEU B 47 18.50 18.03 -21.00
N ASP B 48 19.79 18.38 -21.02
CA ASP B 48 20.55 18.30 -22.26
C ASP B 48 22.07 18.37 -22.11
N SER B 49 22.76 18.42 -23.25
CA SER B 49 24.22 18.48 -23.35
C SER B 49 24.94 19.51 -22.53
N THR B 50 24.28 20.61 -22.19
CA THR B 50 24.92 21.67 -21.43
C THR B 50 24.98 21.36 -19.94
N PHE B 51 24.12 20.44 -19.48
CA PHE B 51 24.11 20.09 -18.08
C PHE B 51 23.92 21.37 -17.28
N THR B 52 23.01 22.23 -17.74
CA THR B 52 22.74 23.49 -17.05
C THR B 52 21.49 23.36 -16.22
N LYS B 53 20.39 23.01 -16.88
CA LYS B 53 19.12 22.85 -16.19
C LYS B 53 18.88 21.35 -16.04
N LEU B 54 18.40 20.93 -14.88
CA LEU B 54 18.15 19.51 -14.67
C LEU B 54 16.68 19.12 -14.78
N ASP B 55 16.44 17.86 -15.12
CA ASP B 55 15.10 17.33 -15.27
C ASP B 55 14.47 17.05 -13.92
N PRO B 56 13.59 17.95 -13.46
CA PRO B 56 12.91 17.79 -12.17
C PRO B 56 12.36 16.39 -12.00
N GLN B 57 12.44 15.85 -10.80
CA GLN B 57 11.94 14.52 -10.51
C GLN B 57 10.43 14.55 -10.21
N GLY B 58 9.66 13.87 -11.06
CA GLY B 58 8.22 13.87 -10.91
C GLY B 58 7.66 13.14 -9.71
N GLU B 59 6.36 12.81 -9.78
CA GLU B 59 5.68 12.08 -8.71
C GLU B 59 5.83 10.60 -8.92
N TYR B 60 6.03 10.21 -10.18
CA TYR B 60 6.19 8.81 -10.55
C TYR B 60 7.50 8.21 -10.00
N GLU B 61 8.55 9.02 -9.86
CA GLU B 61 9.81 8.51 -9.34
C GLU B 61 10.28 9.21 -8.03
N GLU B 62 9.32 9.60 -7.19
CA GLU B 62 9.58 10.23 -5.90
C GLU B 62 10.13 9.19 -4.91
N HIS B 63 9.71 7.95 -5.11
CA HIS B 63 10.15 6.87 -4.26
C HIS B 63 11.59 6.45 -4.52
N LEU B 64 12.13 6.85 -5.67
CA LEU B 64 13.50 6.50 -6.04
C LEU B 64 14.57 6.89 -5.01
N GLY B 65 14.31 7.95 -4.25
CA GLY B 65 15.24 8.36 -3.21
C GLY B 65 16.67 8.60 -3.67
N ILE B 66 17.59 7.77 -3.19
CA ILE B 66 19.01 7.89 -3.50
C ILE B 66 19.37 7.47 -4.91
N LEU B 67 18.60 6.55 -5.47
CA LEU B 67 18.83 6.06 -6.84
C LEU B 67 18.82 7.20 -7.87
N GLY B 68 19.43 6.94 -9.03
CA GLY B 68 19.49 7.91 -10.11
C GLY B 68 18.30 7.78 -11.06
N PRO B 69 18.24 8.57 -12.14
CA PRO B 69 17.09 8.42 -13.02
C PRO B 69 17.05 7.02 -13.63
N VAL B 70 15.84 6.48 -13.79
CA VAL B 70 15.68 5.13 -14.33
C VAL B 70 15.90 5.00 -15.82
N ILE B 71 17.11 4.61 -16.22
CA ILE B 71 17.40 4.40 -17.64
C ILE B 71 16.49 3.26 -18.04
N ARG B 72 15.91 3.34 -19.23
CA ARG B 72 14.97 2.32 -19.66
C ARG B 72 15.00 2.15 -21.17
N ALA B 73 14.65 0.95 -21.64
CA ALA B 73 14.68 0.70 -23.07
C ALA B 73 14.14 -0.67 -23.47
N GLU B 74 13.63 -0.75 -24.70
CA GLU B 74 13.12 -2.00 -25.25
C GLU B 74 14.30 -2.76 -25.85
N VAL B 75 14.04 -3.97 -26.34
CA VAL B 75 15.06 -4.79 -26.94
C VAL B 75 15.46 -4.25 -28.32
N ASP B 76 16.73 -4.44 -28.70
CA ASP B 76 17.27 -3.97 -29.97
C ASP B 76 17.44 -2.46 -29.97
N ASP B 77 16.98 -1.84 -28.88
CA ASP B 77 17.08 -0.40 -28.73
C ASP B 77 18.53 -0.03 -28.50
N VAL B 78 18.84 1.25 -28.61
CA VAL B 78 20.20 1.69 -28.41
C VAL B 78 20.19 2.78 -27.34
N ILE B 79 20.91 2.53 -26.26
CA ILE B 79 20.96 3.49 -25.18
C ILE B 79 22.23 4.32 -25.26
N GLN B 80 22.08 5.64 -25.34
CA GLN B 80 23.23 6.52 -25.39
C GLN B 80 23.15 7.50 -24.23
N VAL B 81 24.04 7.38 -23.26
CA VAL B 81 24.00 8.29 -22.13
C VAL B 81 25.24 9.19 -22.10
N ARG B 82 25.01 10.49 -21.98
CA ARG B 82 26.08 11.46 -21.92
C ARG B 82 26.38 11.75 -20.47
N PHE B 83 27.43 11.13 -19.96
CA PHE B 83 27.85 11.27 -18.58
C PHE B 83 28.76 12.46 -18.39
N LYS B 84 28.37 13.38 -17.51
CA LYS B 84 29.16 14.58 -17.24
C LYS B 84 30.11 14.44 -16.09
N ASN B 85 29.60 14.07 -14.92
CA ASN B 85 30.47 13.94 -13.74
C ASN B 85 30.95 15.28 -13.20
N LEU B 86 30.18 15.82 -12.25
CA LEU B 86 30.48 17.10 -11.64
C LEU B 86 31.09 16.97 -10.25
N ALA B 87 31.55 15.78 -9.91
CA ALA B 87 32.13 15.59 -8.58
C ALA B 87 33.62 15.94 -8.51
N SER B 88 34.20 15.76 -7.34
CA SER B 88 35.59 16.08 -7.09
C SER B 88 36.61 15.02 -7.49
N ARG B 89 36.18 13.77 -7.63
CA ARG B 89 37.10 12.72 -8.00
C ARG B 89 36.63 11.97 -9.23
N PRO B 90 37.42 11.01 -9.72
CA PRO B 90 37.01 10.25 -10.91
C PRO B 90 35.86 9.33 -10.57
N TYR B 91 34.97 9.13 -11.55
CA TYR B 91 33.82 8.22 -11.41
C TYR B 91 33.49 7.69 -12.80
N SER B 92 32.59 6.72 -12.88
CA SER B 92 32.21 6.14 -14.16
C SER B 92 30.78 5.68 -14.12
N LEU B 93 30.24 5.35 -15.28
CA LEU B 93 28.87 4.89 -15.38
C LEU B 93 28.85 3.55 -16.06
N HIS B 94 28.85 2.50 -15.28
CA HIS B 94 28.83 1.16 -15.83
C HIS B 94 27.39 0.65 -15.82
N ALA B 95 26.98 0.05 -16.93
CA ALA B 95 25.64 -0.49 -17.05
C ALA B 95 25.71 -2.01 -16.93
N HIS B 96 25.49 -2.48 -15.72
CA HIS B 96 25.51 -3.90 -15.42
C HIS B 96 24.46 -4.66 -16.23
N GLY B 97 24.91 -5.37 -17.26
CA GLY B 97 23.98 -6.13 -18.08
C GLY B 97 24.15 -5.89 -19.57
N LEU B 98 25.24 -5.24 -19.95
CA LEU B 98 25.50 -4.94 -21.35
C LEU B 98 25.35 -6.21 -22.20
N SER B 99 26.38 -7.07 -22.15
CA SER B 99 26.40 -8.33 -22.89
C SER B 99 26.48 -8.09 -24.40
N ASN B 121 39.45 3.62 -17.39
CA ASN B 121 38.24 4.14 -18.02
C ASN B 121 37.57 5.17 -17.11
N ALA B 122 38.25 5.49 -16.02
CA ALA B 122 37.74 6.44 -15.05
C ALA B 122 37.61 7.84 -15.62
N ILE B 123 36.38 8.36 -15.67
CA ILE B 123 36.16 9.71 -16.18
C ILE B 123 36.60 10.69 -15.11
N GLN B 124 37.38 11.69 -15.51
CA GLN B 124 37.87 12.67 -14.57
C GLN B 124 36.87 13.78 -14.30
N PRO B 125 36.92 14.39 -13.10
CA PRO B 125 36.01 15.47 -12.72
C PRO B 125 35.84 16.48 -13.83
N ASN B 126 34.76 17.27 -13.76
CA ASN B 126 34.47 18.31 -14.73
C ASN B 126 34.56 17.87 -16.18
N LYS B 127 34.74 16.57 -16.45
CA LYS B 127 34.84 16.10 -17.84
C LYS B 127 33.74 15.11 -18.26
N THR B 128 33.29 15.26 -19.51
CA THR B 128 32.21 14.45 -20.09
C THR B 128 32.70 13.19 -20.80
N TYR B 129 31.75 12.36 -21.25
CA TYR B 129 32.02 11.12 -21.97
C TYR B 129 30.72 10.33 -22.23
N THR B 130 30.44 10.08 -23.50
CA THR B 130 29.25 9.36 -23.94
C THR B 130 29.40 7.84 -24.03
N TYR B 131 28.47 7.12 -23.41
CA TYR B 131 28.50 5.67 -23.45
C TYR B 131 27.52 5.29 -24.54
N VAL B 132 27.53 4.05 -24.98
CA VAL B 132 26.61 3.57 -26.01
C VAL B 132 26.36 2.09 -25.77
N TRP B 133 25.16 1.77 -25.29
CA TRP B 133 24.79 0.40 -25.00
C TRP B 133 23.69 -0.07 -25.93
N HIS B 134 23.83 -1.31 -26.39
CA HIS B 134 22.88 -1.93 -27.30
C HIS B 134 22.08 -2.99 -26.54
N ALA B 135 20.86 -2.64 -26.13
CA ALA B 135 20.01 -3.56 -25.38
C ALA B 135 19.66 -4.84 -26.14
N THR B 136 20.54 -5.85 -26.04
CA THR B 136 20.35 -7.14 -26.70
C THR B 136 19.22 -7.97 -26.11
N THR B 137 18.85 -9.04 -26.79
CA THR B 137 17.80 -9.92 -26.32
C THR B 137 18.19 -10.55 -24.99
N ARG B 138 19.49 -10.78 -24.80
CA ARG B 138 20.01 -11.37 -23.57
C ARG B 138 19.67 -10.53 -22.34
N SER B 139 19.34 -9.26 -22.57
CA SER B 139 19.02 -8.35 -21.47
C SER B 139 17.52 -8.31 -21.20
N GLY B 140 16.73 -8.48 -22.24
CA GLY B 140 15.29 -8.45 -22.09
C GLY B 140 14.72 -9.45 -21.11
N PRO B 141 13.38 -9.47 -20.94
CA PRO B 141 12.67 -10.38 -20.03
C PRO B 141 12.50 -11.75 -20.65
N GLU B 142 11.57 -12.53 -20.11
CA GLU B 142 11.28 -13.86 -20.63
C GLU B 142 10.02 -13.85 -21.48
N ASN B 143 9.98 -14.77 -22.44
CA ASN B 143 8.88 -14.92 -23.39
C ASN B 143 7.48 -14.89 -22.77
N PRO B 144 7.33 -15.48 -21.57
CA PRO B 144 6.01 -15.51 -20.93
C PRO B 144 5.55 -14.24 -20.19
N GLY B 145 6.06 -14.03 -18.97
CA GLY B 145 5.61 -12.88 -18.20
C GLY B 145 6.49 -11.67 -17.93
N SER B 146 5.89 -10.71 -17.23
CA SER B 146 6.53 -9.45 -16.87
C SER B 146 7.13 -8.83 -18.11
N ALA B 147 6.50 -7.76 -18.58
CA ALA B 147 6.93 -7.07 -19.79
C ALA B 147 8.30 -6.43 -19.68
N CYS B 148 8.78 -6.23 -18.46
CA CYS B 148 10.08 -5.58 -18.29
C CYS B 148 10.96 -6.24 -17.21
N ARG B 149 12.27 -6.26 -17.45
CA ARG B 149 13.25 -6.85 -16.53
C ARG B 149 14.20 -5.81 -15.91
N ALA B 150 14.59 -6.04 -14.67
CA ALA B 150 15.46 -5.11 -13.97
C ALA B 150 16.94 -5.44 -13.93
N TRP B 151 17.76 -4.41 -14.06
CA TRP B 151 19.22 -4.48 -13.98
C TRP B 151 19.59 -3.21 -13.29
N ALA B 152 20.87 -2.89 -13.24
CA ALA B 152 21.30 -1.68 -12.54
C ALA B 152 22.58 -1.11 -13.10
N TYR B 153 22.73 0.21 -13.00
CA TYR B 153 23.93 0.86 -13.46
C TYR B 153 24.53 1.56 -12.24
N TYR B 154 25.85 1.77 -12.25
CA TYR B 154 26.54 2.39 -11.12
C TYR B 154 27.95 2.71 -11.55
N SER B 155 28.68 3.48 -10.74
CA SER B 155 30.05 3.82 -11.09
C SER B 155 30.83 2.54 -10.88
N ALA B 156 31.90 2.36 -11.63
CA ALA B 156 32.68 1.13 -11.51
C ALA B 156 34.16 1.32 -11.20
N VAL B 157 34.63 2.57 -11.22
CA VAL B 157 36.03 2.83 -10.89
C VAL B 157 36.41 2.00 -9.66
N ASN B 158 35.53 2.02 -8.65
CA ASN B 158 35.71 1.24 -7.44
C ASN B 158 34.31 0.89 -6.95
N PRO B 159 33.66 -0.06 -7.63
CA PRO B 159 32.30 -0.50 -7.30
C PRO B 159 31.88 -0.26 -5.85
N GLU B 160 32.34 -1.10 -4.94
CA GLU B 160 31.96 -0.98 -3.53
C GLU B 160 32.05 0.43 -2.94
N LYS B 161 33.24 1.04 -2.95
CA LYS B 161 33.37 2.38 -2.39
C LYS B 161 32.49 3.40 -3.13
N ASP B 162 32.12 3.08 -4.35
CA ASP B 162 31.30 3.98 -5.12
C ASP B 162 29.81 3.78 -4.87
N ILE B 163 29.33 2.56 -4.90
CA ILE B 163 27.92 2.34 -4.64
C ILE B 163 27.62 2.90 -3.26
N HIS B 164 28.46 2.57 -2.28
CA HIS B 164 28.28 3.06 -0.93
C HIS B 164 28.36 4.59 -0.82
N SER B 165 28.85 5.24 -1.86
CA SER B 165 28.92 6.68 -1.83
C SER B 165 27.61 7.28 -2.36
N GLY B 166 26.86 6.46 -3.11
CA GLY B 166 25.58 6.88 -3.66
C GLY B 166 25.37 6.79 -5.17
N LEU B 167 26.37 6.32 -5.91
CA LEU B 167 26.26 6.23 -7.35
C LEU B 167 25.71 4.92 -7.83
N ILE B 168 24.38 4.84 -7.87
CA ILE B 168 23.67 3.64 -8.32
C ILE B 168 22.27 4.03 -8.82
N GLY B 169 21.80 3.34 -9.86
CA GLY B 169 20.49 3.66 -10.39
C GLY B 169 19.86 2.45 -11.03
N PRO B 170 18.54 2.47 -11.26
CA PRO B 170 17.84 1.34 -11.88
C PRO B 170 17.91 1.40 -13.41
N LEU B 171 18.08 0.25 -14.05
CA LEU B 171 18.16 0.15 -15.51
C LEU B 171 17.14 -0.90 -15.92
N LEU B 172 16.11 -0.50 -16.65
CA LEU B 172 15.07 -1.43 -17.07
C LEU B 172 15.10 -1.72 -18.57
N ILE B 173 14.88 -2.98 -18.91
CA ILE B 173 14.86 -3.42 -20.30
C ILE B 173 13.53 -4.16 -20.53
N CYS B 174 12.69 -3.58 -21.38
CA CYS B 174 11.37 -4.11 -21.71
C CYS B 174 11.33 -4.71 -23.10
N ARG B 175 10.30 -5.49 -23.39
CA ARG B 175 10.19 -6.08 -24.71
C ARG B 175 9.44 -5.10 -25.60
N LYS B 176 9.83 -5.03 -26.86
CA LYS B 176 9.21 -4.12 -27.83
C LYS B 176 7.74 -3.82 -27.55
N GLY B 177 7.38 -2.55 -27.67
CA GLY B 177 6.01 -2.12 -27.45
C GLY B 177 5.54 -1.92 -26.02
N THR B 178 6.47 -1.95 -25.06
CA THR B 178 6.07 -1.76 -23.69
C THR B 178 6.17 -0.29 -23.33
N LEU B 179 7.12 0.41 -23.93
CA LEU B 179 7.29 1.84 -23.63
C LEU B 179 6.55 2.73 -24.63
N ASP B 180 6.05 3.85 -24.12
CA ASP B 180 5.30 4.81 -24.92
C ASP B 180 6.19 5.92 -25.47
N LYS B 181 5.72 6.58 -26.52
CA LYS B 181 6.42 7.69 -27.17
C LYS B 181 7.46 8.36 -26.27
N GLU B 182 7.05 8.64 -25.03
CA GLU B 182 7.95 9.25 -24.03
C GLU B 182 8.31 8.24 -22.90
N THR B 183 8.87 7.11 -23.33
CA THR B 183 9.31 5.98 -22.49
C THR B 183 8.82 5.78 -21.04
N ASN B 184 7.66 5.14 -20.89
CA ASN B 184 7.05 4.82 -19.60
C ASN B 184 6.18 3.59 -19.87
N MET B 185 5.89 2.77 -18.86
CA MET B 185 5.05 1.59 -19.08
C MET B 185 3.56 2.00 -19.05
N PRO B 186 2.78 1.55 -20.06
CA PRO B 186 1.35 1.89 -20.11
C PRO B 186 0.46 0.75 -19.60
N VAL B 187 0.78 -0.47 -20.01
CA VAL B 187 0.01 -1.66 -19.63
C VAL B 187 0.01 -1.91 -18.11
N ASP B 188 0.70 -2.95 -17.67
CA ASP B 188 0.76 -3.26 -16.23
C ASP B 188 0.89 -1.94 -15.52
N MET B 189 1.67 -1.05 -16.12
CA MET B 189 1.90 0.27 -15.60
C MET B 189 2.14 0.23 -14.11
N ARG B 190 2.55 1.35 -13.57
CA ARG B 190 2.81 1.46 -12.14
C ARG B 190 3.94 0.51 -11.75
N GLU B 191 5.17 0.99 -11.97
CA GLU B 191 6.36 0.23 -11.63
C GLU B 191 6.95 0.84 -10.38
N PHE B 192 7.65 0.03 -9.61
CA PHE B 192 8.30 0.54 -8.44
C PHE B 192 9.68 -0.06 -8.43
N VAL B 193 10.66 0.70 -7.94
CA VAL B 193 12.02 0.19 -7.93
C VAL B 193 12.56 0.36 -6.54
N LEU B 194 12.58 -0.72 -5.78
CA LEU B 194 13.11 -0.64 -4.43
C LEU B 194 14.46 -1.32 -4.29
N LEU B 195 15.44 -0.59 -3.80
CA LEU B 195 16.77 -1.13 -3.58
C LEU B 195 16.93 -1.41 -2.06
N PHE B 196 17.00 -2.68 -1.67
CA PHE B 196 17.20 -3.01 -0.27
C PHE B 196 18.67 -3.16 -0.08
N MET B 197 19.26 -2.29 0.74
CA MET B 197 20.68 -2.35 0.96
C MET B 197 21.10 -1.54 2.17
N VAL B 198 22.30 -1.84 2.67
CA VAL B 198 22.86 -1.12 3.80
C VAL B 198 23.95 -0.20 3.30
N PHE B 199 23.83 1.09 3.59
CA PHE B 199 24.87 1.98 3.15
C PHE B 199 25.74 2.17 4.36
N ASP B 200 27.03 1.90 4.18
CA ASP B 200 27.99 2.04 5.26
C ASP B 200 28.81 3.25 4.91
N GLU B 201 28.51 4.40 5.51
CA GLU B 201 29.27 5.60 5.17
C GLU B 201 30.75 5.41 5.41
N LYS B 202 31.11 4.31 6.06
CA LYS B 202 32.50 4.04 6.36
C LYS B 202 33.25 3.67 5.10
N LYS B 203 32.60 3.80 3.95
CA LYS B 203 33.25 3.45 2.71
C LYS B 203 33.07 4.48 1.60
N SER B 204 33.22 5.77 1.89
CA SER B 204 33.00 6.79 0.87
C SER B 204 33.80 8.12 0.96
N TRP B 205 33.10 9.17 1.43
CA TRP B 205 33.68 10.51 1.64
C TRP B 205 33.78 10.56 3.16
N TYR B 206 33.94 9.38 3.77
CA TYR B 206 34.02 9.24 5.21
C TYR B 206 34.85 10.39 5.76
N TYR B 207 36.14 10.37 5.47
CA TYR B 207 37.03 11.44 5.91
C TYR B 207 37.01 11.51 7.44
N ASP B 208 36.08 10.78 8.05
CA ASP B 208 35.90 10.72 9.49
C ASP B 208 35.47 12.06 10.08
N ASN B 224 32.10 4.61 15.56
CA ASN B 224 30.64 4.51 15.63
C ASN B 224 30.08 3.88 14.36
N SER B 225 28.97 3.15 14.49
CA SER B 225 28.33 2.49 13.35
C SER B 225 27.57 3.46 12.47
N HIS B 226 28.16 3.77 11.32
CA HIS B 226 27.55 4.68 10.37
C HIS B 226 26.93 3.81 9.28
N GLU B 227 25.98 2.97 9.70
CA GLU B 227 25.31 2.07 8.79
C GLU B 227 23.85 2.41 8.74
N PHE B 228 23.25 2.28 7.55
CA PHE B 228 21.83 2.56 7.37
C PHE B 228 21.09 1.46 6.64
N HIS B 229 20.27 0.72 7.38
CA HIS B 229 19.50 -0.38 6.84
C HIS B 229 18.33 0.31 6.18
N ALA B 230 18.53 0.63 4.91
CA ALA B 230 17.58 1.38 4.14
C ALA B 230 16.95 0.78 2.88
N ILE B 231 16.01 1.54 2.35
CA ILE B 231 15.32 1.21 1.12
C ILE B 231 15.53 2.51 0.34
N ASN B 232 16.06 2.40 -0.87
CA ASN B 232 16.33 3.56 -1.68
C ASN B 232 17.03 4.63 -0.86
N GLY B 233 17.90 4.20 0.06
CA GLY B 233 18.69 5.10 0.89
C GLY B 233 17.93 5.88 1.94
N MET B 234 16.80 5.34 2.36
CA MET B 234 15.99 6.03 3.34
C MET B 234 15.74 5.04 4.46
N ILE B 235 15.70 5.51 5.71
CA ILE B 235 15.42 4.60 6.83
C ILE B 235 14.08 4.95 7.47
N TYR B 236 13.26 3.93 7.73
CA TYR B 236 11.95 4.02 8.37
C TYR B 236 10.85 4.59 7.54
N ASN B 237 11.15 5.59 6.72
CA ASN B 237 10.12 6.18 5.90
C ASN B 237 10.59 6.65 4.54
N LEU B 238 10.06 6.00 3.49
CA LEU B 238 10.37 6.37 2.10
C LEU B 238 9.05 6.80 1.44
N PRO B 239 8.84 8.11 1.24
CA PRO B 239 7.60 8.57 0.62
C PRO B 239 7.51 8.31 -0.89
N GLY B 240 6.31 8.37 -1.45
CA GLY B 240 6.18 8.14 -2.86
C GLY B 240 5.58 6.83 -3.29
N LEU B 241 5.24 5.98 -2.34
CA LEU B 241 4.64 4.69 -2.67
C LEU B 241 3.13 4.72 -2.53
N ARG B 242 2.43 4.96 -3.64
CA ARG B 242 0.96 5.01 -3.63
C ARG B 242 0.39 4.21 -4.79
N MET B 243 -0.62 3.40 -4.51
CA MET B 243 -1.21 2.59 -5.57
C MET B 243 -2.67 2.39 -5.29
N TYR B 244 -3.41 1.92 -6.30
CA TYR B 244 -4.84 1.69 -6.12
C TYR B 244 -5.23 0.26 -5.72
N GLU B 245 -6.21 0.17 -4.84
CA GLU B 245 -6.74 -1.10 -4.37
C GLU B 245 -7.14 -1.99 -5.55
N GLN B 246 -6.65 -3.22 -5.53
CA GLN B 246 -6.89 -4.23 -6.56
C GLN B 246 -6.26 -3.85 -7.89
N GLU B 247 -5.14 -3.12 -7.84
CA GLU B 247 -4.41 -2.71 -9.04
C GLU B 247 -3.06 -3.44 -9.12
N TRP B 248 -2.72 -3.91 -10.31
CA TRP B 248 -1.46 -4.62 -10.53
C TRP B 248 -0.28 -3.68 -10.69
N VAL B 249 0.68 -3.74 -9.79
CA VAL B 249 1.87 -2.92 -9.88
C VAL B 249 3.04 -3.88 -10.16
N ARG B 250 4.10 -3.37 -10.78
CA ARG B 250 5.26 -4.20 -11.06
C ARG B 250 6.41 -3.75 -10.16
N LEU B 251 6.98 -4.69 -9.42
CA LEU B 251 8.08 -4.37 -8.53
C LEU B 251 9.43 -4.79 -9.08
N HIS B 252 10.40 -3.89 -9.01
CA HIS B 252 11.76 -4.23 -9.44
C HIS B 252 12.60 -4.14 -8.17
N LEU B 253 12.91 -5.31 -7.61
CA LEU B 253 13.71 -5.39 -6.38
C LEU B 253 15.17 -5.67 -6.76
N LEU B 254 16.08 -4.82 -6.29
CA LEU B 254 17.50 -5.00 -6.56
C LEU B 254 18.39 -4.79 -5.34
N ASN B 255 19.21 -5.80 -5.01
CA ASN B 255 20.13 -5.72 -3.86
C ASN B 255 21.57 -5.88 -4.31
N LEU B 256 22.30 -4.75 -4.31
CA LEU B 256 23.70 -4.70 -4.72
C LEU B 256 24.64 -4.59 -3.53
N GLY B 257 24.26 -5.16 -2.40
CA GLY B 257 25.11 -5.08 -1.22
C GLY B 257 25.94 -6.33 -0.98
N GLY B 258 26.81 -6.25 0.01
CA GLY B 258 27.69 -7.36 0.37
C GLY B 258 27.00 -8.69 0.64
N SER B 259 27.76 -9.61 1.21
CA SER B 259 27.31 -10.96 1.54
C SER B 259 26.45 -11.04 2.79
N ARG B 260 26.64 -10.10 3.70
CA ARG B 260 25.88 -10.05 4.94
C ARG B 260 24.55 -9.32 4.79
N ASP B 261 24.17 -9.02 3.55
CA ASP B 261 22.91 -8.34 3.31
C ASP B 261 21.72 -9.29 3.47
N ILE B 262 21.30 -9.94 2.40
CA ILE B 262 20.17 -10.86 2.50
C ILE B 262 18.98 -10.11 3.07
N HIS B 263 17.99 -9.82 2.23
CA HIS B 263 16.83 -9.08 2.68
C HIS B 263 15.55 -9.74 2.18
N VAL B 264 14.65 -10.04 3.11
CA VAL B 264 13.40 -10.70 2.79
C VAL B 264 12.30 -9.66 2.68
N VAL B 265 12.15 -9.09 1.49
CA VAL B 265 11.15 -8.06 1.25
C VAL B 265 9.74 -8.56 1.55
N HIS B 266 9.06 -7.88 2.47
CA HIS B 266 7.72 -8.25 2.86
C HIS B 266 6.72 -7.09 2.73
N PHE B 267 5.68 -7.30 1.91
CA PHE B 267 4.61 -6.31 1.66
C PHE B 267 3.39 -6.73 2.48
N HIS B 268 3.19 -6.08 3.63
CA HIS B 268 2.08 -6.41 4.50
C HIS B 268 0.71 -6.51 3.84
N GLY B 269 -0.02 -7.55 4.22
CA GLY B 269 -1.35 -7.74 3.68
C GLY B 269 -1.36 -7.96 2.17
N GLN B 270 -0.19 -8.19 1.58
CA GLN B 270 -0.12 -8.39 0.14
C GLN B 270 0.49 -9.74 -0.24
N THR B 271 0.38 -10.09 -1.52
CA THR B 271 0.92 -11.34 -2.03
C THR B 271 1.66 -11.10 -3.33
N LEU B 272 2.97 -11.33 -3.31
CA LEU B 272 3.81 -11.15 -4.48
C LEU B 272 3.60 -12.28 -5.48
N LEU B 273 3.80 -11.99 -6.77
CA LEU B 273 3.62 -12.98 -7.83
C LEU B 273 4.85 -13.09 -8.73
N GLU B 274 5.28 -14.33 -9.02
CA GLU B 274 6.41 -14.52 -9.90
C GLU B 274 5.87 -14.85 -11.28
N ASN B 275 6.00 -13.90 -12.22
CA ASN B 275 5.52 -14.05 -13.59
C ASN B 275 6.68 -14.41 -14.53
N GLY B 276 6.53 -15.53 -15.23
CA GLY B 276 7.55 -15.98 -16.16
C GLY B 276 7.02 -17.21 -16.85
N THR B 277 7.91 -18.08 -17.32
CA THR B 277 7.48 -19.31 -17.97
C THR B 277 6.84 -20.15 -16.88
N GLN B 278 6.88 -19.62 -15.67
CA GLN B 278 6.33 -20.27 -14.49
C GLN B 278 5.74 -19.21 -13.56
N GLN B 279 4.61 -19.53 -12.94
CA GLN B 279 3.98 -18.59 -12.03
C GLN B 279 3.91 -19.17 -10.62
N HIS B 280 4.39 -18.39 -9.66
CA HIS B 280 4.41 -18.82 -8.27
C HIS B 280 3.93 -17.70 -7.36
N GLN B 281 3.07 -18.03 -6.40
CA GLN B 281 2.57 -17.04 -5.46
C GLN B 281 3.39 -17.04 -4.17
N LEU B 282 4.30 -16.07 -4.07
CA LEU B 282 5.15 -15.92 -2.90
C LEU B 282 4.48 -14.98 -1.91
N GLY B 283 4.86 -15.06 -0.64
CA GLY B 283 4.28 -14.20 0.38
C GLY B 283 5.32 -13.21 0.89
N VAL B 284 6.57 -13.47 0.51
CA VAL B 284 7.72 -12.65 0.86
C VAL B 284 8.75 -13.14 -0.14
N TRP B 285 9.77 -12.36 -0.46
CA TRP B 285 10.76 -12.84 -1.42
C TRP B 285 12.20 -12.73 -0.95
N PRO B 286 12.94 -13.84 -1.04
CA PRO B 286 14.34 -13.83 -0.61
C PRO B 286 15.20 -13.09 -1.61
N LEU B 287 15.55 -11.85 -1.27
CA LEU B 287 16.36 -11.02 -2.14
C LEU B 287 17.81 -11.17 -1.71
N LEU B 288 18.57 -11.97 -2.45
CA LEU B 288 19.99 -12.20 -2.14
C LEU B 288 20.92 -11.18 -2.76
N PRO B 289 22.12 -10.99 -2.18
CA PRO B 289 23.10 -10.02 -2.70
C PRO B 289 23.35 -10.13 -4.20
N GLY B 290 23.81 -9.05 -4.82
CA GLY B 290 24.07 -9.07 -6.25
C GLY B 290 22.90 -9.48 -7.12
N SER B 291 21.69 -9.49 -6.56
CA SER B 291 20.55 -9.92 -7.37
C SER B 291 19.50 -8.88 -7.71
N PHE B 292 18.83 -9.14 -8.82
CA PHE B 292 17.78 -8.28 -9.33
C PHE B 292 16.62 -9.22 -9.62
N LYS B 293 15.41 -8.81 -9.22
CA LYS B 293 14.26 -9.64 -9.47
C LYS B 293 13.04 -8.76 -9.66
N THR B 294 12.12 -9.22 -10.49
CA THR B 294 10.91 -8.48 -10.77
C THR B 294 9.74 -9.41 -10.56
N LEU B 295 8.73 -8.91 -9.86
CA LEU B 295 7.56 -9.70 -9.60
C LEU B 295 6.37 -8.78 -9.34
N GLU B 296 5.32 -8.93 -10.13
CA GLU B 296 4.15 -8.09 -9.95
C GLU B 296 3.48 -8.32 -8.57
N MET B 297 2.39 -7.60 -8.33
CA MET B 297 1.65 -7.68 -7.08
C MET B 297 0.32 -6.95 -7.25
N LYS B 298 -0.76 -7.58 -6.80
CA LYS B 298 -2.07 -6.97 -6.92
C LYS B 298 -2.44 -6.44 -5.54
N ALA B 299 -2.29 -5.15 -5.32
CA ALA B 299 -2.61 -4.59 -4.01
C ALA B 299 -4.05 -4.89 -3.60
N SER B 300 -4.30 -5.10 -2.32
CA SER B 300 -5.66 -5.37 -1.85
C SER B 300 -5.96 -4.66 -0.55
N LYS B 301 -7.09 -3.95 -0.52
CA LYS B 301 -7.54 -3.23 0.66
C LYS B 301 -6.77 -1.97 0.97
N PRO B 302 -7.49 -0.86 1.13
CA PRO B 302 -7.05 0.50 1.43
C PRO B 302 -6.40 0.58 2.79
N GLY B 303 -5.62 1.63 3.02
CA GLY B 303 -4.96 1.80 4.30
C GLY B 303 -3.46 1.94 4.19
N TRP B 304 -2.80 2.09 5.33
CA TRP B 304 -1.35 2.17 5.37
C TRP B 304 -0.76 0.84 5.80
N TRP B 305 0.02 0.24 4.92
CA TRP B 305 0.64 -1.03 5.20
C TRP B 305 2.14 -0.81 5.23
N LEU B 306 2.88 -1.76 5.78
CA LEU B 306 4.31 -1.61 5.90
C LEU B 306 5.07 -2.49 4.91
N LEU B 307 6.27 -2.04 4.57
CA LEU B 307 7.16 -2.72 3.65
C LEU B 307 8.46 -2.90 4.38
N ASP B 308 8.91 -4.15 4.52
CA ASP B 308 10.17 -4.44 5.24
C ASP B 308 10.91 -5.69 4.78
N THR B 309 12.14 -5.82 5.26
CA THR B 309 13.02 -6.96 4.99
C THR B 309 12.74 -8.13 5.91
N GLU B 310 11.93 -7.90 6.93
CA GLU B 310 11.54 -8.91 7.91
C GLU B 310 12.60 -9.88 8.47
N VAL B 311 13.86 -9.49 8.32
CA VAL B 311 14.94 -10.23 8.91
C VAL B 311 15.01 -9.31 10.12
N GLY B 312 14.18 -9.64 11.09
CA GLY B 312 14.05 -8.89 12.33
C GLY B 312 15.08 -7.86 12.74
N GLU B 313 16.30 -8.30 13.03
CA GLU B 313 17.33 -7.38 13.47
C GLU B 313 17.54 -6.19 12.53
N ILE B 314 17.47 -6.44 11.23
CA ILE B 314 17.66 -5.41 10.22
C ILE B 314 16.42 -4.51 10.08
N GLN B 315 15.25 -5.12 10.04
CA GLN B 315 14.01 -4.40 9.93
C GLN B 315 13.91 -3.32 10.99
N ARG B 316 14.18 -3.67 12.24
CA ARG B 316 14.10 -2.68 13.31
C ARG B 316 15.17 -1.58 13.19
N ALA B 317 16.24 -1.86 12.45
CA ALA B 317 17.30 -0.86 12.26
C ALA B 317 16.87 0.20 11.25
N GLY B 318 15.72 -0.03 10.61
CA GLY B 318 15.21 0.92 9.65
C GLY B 318 14.76 0.42 8.29
N MET B 319 15.13 -0.81 7.92
CA MET B 319 14.72 -1.28 6.60
C MET B 319 13.24 -1.52 6.55
N GLN B 320 12.49 -0.42 6.50
CA GLN B 320 11.03 -0.49 6.47
C GLN B 320 10.45 0.86 6.07
N THR B 321 9.24 0.85 5.53
CA THR B 321 8.59 2.09 5.12
C THR B 321 7.10 1.90 4.94
N PRO B 322 6.31 2.92 5.25
CA PRO B 322 4.88 2.66 5.04
C PRO B 322 4.63 2.84 3.54
N PHE B 323 3.55 2.24 3.03
CA PHE B 323 3.19 2.40 1.63
C PHE B 323 1.67 2.47 1.58
N LEU B 324 1.15 3.41 0.81
CA LEU B 324 -0.28 3.66 0.74
C LEU B 324 -1.06 3.03 -0.39
N ILE B 325 -2.19 2.42 -0.03
CA ILE B 325 -3.11 1.80 -0.99
C ILE B 325 -4.38 2.62 -0.91
N VAL B 326 -4.75 3.23 -2.04
CA VAL B 326 -5.92 4.09 -2.18
C VAL B 326 -7.20 3.32 -2.48
N ASP B 327 -8.35 3.88 -2.11
CA ASP B 327 -9.63 3.23 -2.37
C ASP B 327 -9.77 3.05 -3.89
N ARG B 328 -10.39 1.95 -4.32
CA ARG B 328 -10.54 1.69 -5.76
C ARG B 328 -11.26 2.77 -6.52
N GLU B 329 -12.34 3.31 -5.93
CA GLU B 329 -13.10 4.36 -6.59
C GLU B 329 -12.91 5.71 -5.91
N CYS B 330 -11.67 6.16 -5.87
CA CYS B 330 -11.35 7.44 -5.26
C CYS B 330 -11.31 8.48 -6.37
N LYS B 331 -12.41 9.24 -6.48
CA LYS B 331 -12.55 10.27 -7.51
C LYS B 331 -13.88 11.00 -7.29
N MET B 332 -14.28 11.12 -6.04
CA MET B 332 -15.53 11.78 -5.76
C MET B 332 -15.34 13.29 -5.58
N PRO B 333 -16.35 14.09 -5.94
CA PRO B 333 -16.28 15.56 -5.83
C PRO B 333 -15.84 15.98 -4.45
N MET B 334 -14.79 16.79 -4.39
CA MET B 334 -14.23 17.26 -3.13
C MET B 334 -15.13 18.33 -2.48
N GLY B 335 -16.09 18.84 -3.24
CA GLY B 335 -17.00 19.80 -2.62
C GLY B 335 -17.18 21.19 -3.21
N LEU B 336 -16.49 21.50 -4.30
CA LEU B 336 -16.64 22.81 -4.89
C LEU B 336 -18.00 22.98 -5.58
N SER B 337 -18.46 21.93 -6.25
CA SER B 337 -19.71 21.96 -6.98
C SER B 337 -20.95 21.54 -6.21
N THR B 338 -20.77 21.10 -4.95
CA THR B 338 -21.90 20.66 -4.15
C THR B 338 -22.11 21.47 -2.88
N GLY B 339 -21.21 22.40 -2.60
CA GLY B 339 -21.35 23.20 -1.41
C GLY B 339 -20.52 22.77 -0.21
N LEU B 340 -19.93 21.57 -0.27
CA LEU B 340 -19.11 21.06 0.82
C LEU B 340 -17.92 21.96 1.11
N ILE B 341 -17.35 22.58 0.07
CA ILE B 341 -16.22 23.47 0.24
C ILE B 341 -16.77 24.91 0.35
N ALA B 342 -16.56 25.55 1.49
CA ALA B 342 -17.07 26.90 1.72
C ALA B 342 -16.34 28.03 0.96
N ASP B 343 -17.06 29.12 0.70
CA ASP B 343 -16.48 30.28 0.00
C ASP B 343 -15.21 30.70 0.70
N SER B 344 -15.20 30.52 2.02
CA SER B 344 -14.05 30.88 2.84
C SER B 344 -12.79 30.17 2.35
N GLN B 345 -12.91 28.89 2.03
CA GLN B 345 -11.79 28.08 1.60
C GLN B 345 -11.22 28.38 0.21
N ILE B 346 -11.93 29.17 -0.59
CA ILE B 346 -11.46 29.52 -1.91
C ILE B 346 -10.79 30.88 -1.79
N GLN B 347 -9.72 31.11 -2.53
CA GLN B 347 -8.96 32.35 -2.47
C GLN B 347 -8.02 32.48 -3.68
N ALA B 348 -7.90 33.68 -4.26
CA ALA B 348 -7.03 33.86 -5.42
C ALA B 348 -6.03 34.95 -5.19
N SER B 349 -5.14 35.13 -6.15
CA SER B 349 -4.11 36.16 -6.07
C SER B 349 -4.61 37.42 -6.78
N GLU B 350 -5.68 37.25 -7.55
CA GLU B 350 -6.29 38.35 -8.28
C GLU B 350 -7.49 37.84 -9.07
N PHE B 351 -8.39 38.76 -9.39
CA PHE B 351 -9.58 38.42 -10.13
C PHE B 351 -10.10 39.66 -10.84
N TRP B 352 -10.51 39.50 -12.10
CA TRP B 352 -11.02 40.58 -12.91
C TRP B 352 -12.39 41.04 -12.45
N GLY B 353 -12.42 42.24 -11.86
CA GLY B 353 -13.64 42.85 -11.35
C GLY B 353 -14.98 42.13 -11.43
N TYR B 354 -15.40 41.59 -10.30
CA TYR B 354 -16.66 40.86 -10.12
C TYR B 354 -16.65 39.37 -10.42
N TRP B 355 -15.63 38.88 -11.12
CA TRP B 355 -15.51 37.45 -11.37
C TRP B 355 -14.65 36.90 -10.20
N GLU B 356 -15.23 36.96 -9.01
CA GLU B 356 -14.57 36.54 -7.79
C GLU B 356 -14.35 35.04 -7.65
N PRO B 357 -13.22 34.64 -7.04
CA PRO B 357 -12.83 33.24 -6.82
C PRO B 357 -13.93 32.39 -6.21
N LYS B 358 -14.67 32.98 -5.29
CA LYS B 358 -15.74 32.25 -4.63
C LYS B 358 -16.73 31.67 -5.64
N LEU B 359 -16.58 32.09 -6.88
CA LEU B 359 -17.45 31.68 -7.98
C LEU B 359 -17.01 30.48 -8.81
N ALA B 360 -15.72 30.14 -8.76
CA ALA B 360 -15.20 29.03 -9.56
C ALA B 360 -15.76 27.65 -9.25
N ARG B 361 -17.06 27.46 -9.35
CA ARG B 361 -17.64 26.16 -9.04
C ARG B 361 -18.31 25.48 -10.24
N LEU B 362 -17.88 24.26 -10.58
CA LEU B 362 -18.46 23.52 -11.71
C LEU B 362 -19.97 23.64 -11.78
N ASN B 363 -20.46 24.06 -12.94
CA ASN B 363 -21.88 24.24 -13.19
C ASN B 363 -22.57 25.46 -12.60
N ASN B 364 -22.06 25.98 -11.48
CA ASN B 364 -22.67 27.17 -10.90
C ASN B 364 -23.02 28.13 -12.02
N GLY B 365 -24.30 28.49 -12.15
CA GLY B 365 -24.73 29.38 -13.21
C GLY B 365 -25.11 30.79 -12.78
N GLY B 366 -25.07 31.73 -13.71
CA GLY B 366 -25.43 33.12 -13.39
C GLY B 366 -24.70 34.16 -14.22
N SER B 367 -24.98 35.44 -13.98
CA SER B 367 -24.32 36.50 -14.75
C SER B 367 -22.84 36.45 -14.46
N TYR B 368 -22.54 36.28 -13.18
CA TYR B 368 -21.17 36.16 -12.71
C TYR B 368 -21.13 34.80 -12.04
N ASN B 369 -20.64 33.81 -12.79
CA ASN B 369 -20.62 32.46 -12.27
C ASN B 369 -19.26 31.78 -12.38
N ALA B 370 -18.17 32.53 -12.37
CA ALA B 370 -16.88 31.89 -12.48
C ALA B 370 -15.73 32.81 -12.13
N TRP B 371 -14.54 32.24 -11.88
CA TRP B 371 -13.37 33.04 -11.59
C TRP B 371 -12.65 33.40 -12.91
N ILE B 372 -12.35 34.67 -13.11
CA ILE B 372 -11.63 35.09 -14.31
C ILE B 372 -10.47 36.00 -13.87
N ALA B 373 -9.32 35.84 -14.49
CA ALA B 373 -8.17 36.70 -14.17
C ALA B 373 -7.97 37.63 -15.37
N GLU B 374 -7.68 38.90 -15.10
CA GLU B 374 -7.50 39.85 -16.19
C GLU B 374 -6.37 39.46 -17.13
N LYS B 375 -5.38 38.74 -16.59
CA LYS B 375 -4.23 38.33 -17.39
C LYS B 375 -3.63 37.01 -16.93
N LEU B 376 -3.17 36.21 -17.88
CA LEU B 376 -2.57 34.94 -17.55
C LEU B 376 -1.07 35.01 -17.76
N SER B 377 -0.52 36.20 -17.58
CA SER B 377 0.92 36.43 -17.75
C SER B 377 1.79 35.35 -17.10
N THR B 378 1.15 34.44 -16.36
CA THR B 378 1.84 33.34 -15.69
C THR B 378 2.69 32.44 -16.59
N GLU B 379 4.01 32.68 -16.58
CA GLU B 379 4.99 31.93 -17.35
C GLU B 379 5.89 31.21 -16.32
N PHE B 380 7.15 31.61 -16.21
CA PHE B 380 8.03 31.01 -15.19
C PHE B 380 7.59 31.59 -13.85
N ASN B 381 6.35 32.05 -13.85
CA ASN B 381 5.68 32.66 -12.70
C ASN B 381 4.31 32.01 -12.63
N PRO B 382 3.82 31.74 -11.42
CA PRO B 382 2.51 31.12 -11.27
C PRO B 382 1.58 32.11 -10.60
N GLU B 383 1.82 33.40 -10.80
CA GLU B 383 1.00 34.38 -10.12
C GLU B 383 -0.50 34.23 -10.28
N PRO B 384 -1.02 34.29 -11.51
CA PRO B 384 -2.48 34.13 -11.59
C PRO B 384 -2.83 32.73 -11.08
N TRP B 385 -3.53 32.65 -9.94
CA TRP B 385 -3.93 31.35 -9.37
C TRP B 385 -5.15 31.41 -8.48
N ILE B 386 -5.84 30.28 -8.37
CA ILE B 386 -6.97 30.19 -7.45
C ILE B 386 -6.52 29.07 -6.48
N GLN B 387 -6.71 29.27 -5.18
CA GLN B 387 -6.29 28.31 -4.16
C GLN B 387 -7.46 27.69 -3.40
N VAL B 388 -7.46 26.37 -3.29
CA VAL B 388 -8.50 25.68 -2.55
C VAL B 388 -7.82 25.04 -1.33
N ASP B 389 -8.38 25.28 -0.15
CA ASP B 389 -7.84 24.76 1.10
C ASP B 389 -8.79 23.78 1.75
N MET B 390 -8.46 22.50 1.64
CA MET B 390 -9.26 21.42 2.19
C MET B 390 -9.31 21.46 3.71
N GLN B 391 -8.54 22.38 4.30
CA GLN B 391 -8.53 22.53 5.74
C GLN B 391 -7.87 21.34 6.43
N LYS B 392 -7.69 20.27 5.68
CA LYS B 392 -7.05 19.08 6.16
C LYS B 392 -6.51 18.33 4.94
N GLU B 393 -5.60 17.39 5.14
CA GLU B 393 -5.02 16.65 4.02
C GLU B 393 -5.99 15.64 3.46
N VAL B 394 -6.00 15.53 2.13
CA VAL B 394 -6.88 14.62 1.40
C VAL B 394 -6.12 14.06 0.21
N LEU B 395 -6.74 13.12 -0.50
CA LEU B 395 -6.12 12.54 -1.68
C LEU B 395 -6.75 13.13 -2.94
N LEU B 396 -5.94 13.74 -3.78
CA LEU B 396 -6.42 14.37 -5.02
C LEU B 396 -6.12 13.48 -6.21
N THR B 397 -7.15 13.03 -6.93
CA THR B 397 -6.93 12.16 -8.08
C THR B 397 -7.50 12.66 -9.40
N GLY B 398 -8.03 13.87 -9.41
CA GLY B 398 -8.57 14.38 -10.65
C GLY B 398 -9.04 15.81 -10.54
N ILE B 399 -9.14 16.47 -11.68
CA ILE B 399 -9.60 17.85 -11.71
C ILE B 399 -10.51 18.08 -12.92
N GLN B 400 -11.62 18.78 -12.71
CA GLN B 400 -12.56 19.09 -13.79
C GLN B 400 -12.68 20.59 -13.91
N THR B 401 -12.60 21.10 -15.13
CA THR B 401 -12.71 22.54 -15.35
C THR B 401 -13.80 22.87 -16.37
N GLN B 402 -14.27 24.12 -16.32
CA GLN B 402 -15.29 24.65 -17.21
C GLN B 402 -15.00 26.11 -17.37
N GLY B 403 -15.60 26.73 -18.38
CA GLY B 403 -15.41 28.15 -18.60
C GLY B 403 -16.66 28.89 -18.14
N ALA B 404 -16.81 30.12 -18.63
CA ALA B 404 -17.95 30.96 -18.30
C ALA B 404 -18.36 31.63 -19.58
N LYS B 405 -19.51 32.31 -19.54
CA LYS B 405 -20.03 33.01 -20.71
C LYS B 405 -20.72 34.28 -20.22
N HIS B 406 -20.12 35.42 -20.53
CA HIS B 406 -20.68 36.71 -20.13
C HIS B 406 -22.12 36.67 -20.64
N TYR B 407 -22.27 36.78 -21.96
CA TYR B 407 -23.59 36.67 -22.58
C TYR B 407 -23.42 35.75 -23.77
N LEU B 408 -22.71 36.24 -24.78
CA LEU B 408 -22.42 35.48 -25.98
C LEU B 408 -20.90 35.38 -26.14
N LYS B 409 -20.15 36.15 -25.34
CA LYS B 409 -18.70 36.11 -25.42
C LYS B 409 -18.15 34.98 -24.56
N PRO B 410 -17.59 33.95 -25.19
CA PRO B 410 -17.05 32.83 -24.43
C PRO B 410 -15.79 33.16 -23.64
N TYR B 411 -15.59 32.44 -22.54
CA TYR B 411 -14.39 32.61 -21.73
C TYR B 411 -13.96 31.24 -21.22
N TYR B 412 -12.70 30.90 -21.36
CA TYR B 412 -12.23 29.62 -20.84
C TYR B 412 -10.73 29.43 -20.85
N THR B 413 -10.29 28.49 -20.03
CA THR B 413 -8.89 28.16 -19.90
C THR B 413 -8.62 27.03 -20.89
N THR B 414 -7.55 27.20 -21.64
CA THR B 414 -7.18 26.23 -22.66
C THR B 414 -5.95 25.45 -22.17
N GLU B 415 -5.47 25.77 -20.98
CA GLU B 415 -4.30 25.10 -20.45
C GLU B 415 -3.93 25.62 -19.05
N PHE B 416 -3.53 24.71 -18.18
CA PHE B 416 -3.18 25.11 -16.84
C PHE B 416 -2.19 24.16 -16.16
N CYS B 417 -1.75 24.57 -14.97
CA CYS B 417 -0.83 23.81 -14.16
C CYS B 417 -1.45 23.66 -12.78
N VAL B 418 -1.11 22.58 -12.10
CA VAL B 418 -1.64 22.29 -10.78
C VAL B 418 -0.55 22.09 -9.74
N ALA B 419 -0.55 22.94 -8.71
CA ALA B 419 0.43 22.83 -7.64
C ALA B 419 -0.26 22.48 -6.32
N TYR B 420 0.45 21.75 -5.45
CA TYR B 420 -0.07 21.33 -4.15
C TYR B 420 0.95 21.51 -3.01
N SER B 421 0.43 21.55 -1.79
CA SER B 421 1.21 21.76 -0.60
C SER B 421 0.47 21.22 0.63
N LEU B 422 1.21 20.89 1.68
CA LEU B 422 0.61 20.35 2.90
C LEU B 422 0.57 21.46 3.95
N ASP B 423 1.55 22.36 3.85
CA ASP B 423 1.73 23.47 4.80
C ASP B 423 1.29 24.83 4.29
N ARG B 424 1.37 25.01 2.98
CA ARG B 424 1.02 26.27 2.32
C ARG B 424 2.29 27.07 2.07
N LYS B 425 3.41 26.56 2.60
CA LYS B 425 4.72 27.18 2.43
C LYS B 425 5.51 26.54 1.28
N ASN B 426 5.56 25.21 1.25
CA ASN B 426 6.28 24.54 0.17
C ASN B 426 5.36 23.94 -0.87
N TRP B 427 5.39 24.50 -2.07
CA TRP B 427 4.55 24.00 -3.15
C TRP B 427 5.28 23.06 -4.10
N ARG B 428 4.51 22.28 -4.83
CA ARG B 428 5.08 21.38 -5.79
C ARG B 428 4.20 21.44 -7.02
N ILE B 429 4.79 21.82 -8.16
CA ILE B 429 4.03 21.88 -9.39
C ILE B 429 3.92 20.43 -9.81
N PHE B 430 2.71 19.94 -10.05
CA PHE B 430 2.53 18.56 -10.43
C PHE B 430 3.10 18.18 -11.78
N LYS B 431 3.61 16.95 -11.83
CA LYS B 431 4.19 16.37 -13.03
C LYS B 431 3.80 14.89 -12.98
N GLY B 432 3.99 14.18 -14.08
CA GLY B 432 3.68 12.75 -14.10
C GLY B 432 4.13 12.35 -15.47
N ASN B 433 3.18 12.02 -16.32
CA ASN B 433 3.51 11.71 -17.70
C ASN B 433 4.40 12.83 -18.23
N SER B 434 3.89 14.05 -18.16
CA SER B 434 4.52 15.25 -18.69
C SER B 434 5.91 15.15 -19.29
N THR B 435 6.03 15.60 -20.54
CA THR B 435 7.30 15.58 -21.25
C THR B 435 8.06 16.88 -20.94
N ARG B 436 7.39 17.80 -20.29
CA ARG B 436 8.01 19.06 -19.94
C ARG B 436 8.37 19.04 -18.45
N ASN B 437 9.01 20.10 -17.98
CA ASN B 437 9.42 20.19 -16.59
C ASN B 437 8.26 19.98 -15.63
N VAL B 438 7.06 20.31 -16.10
CA VAL B 438 5.84 20.17 -15.32
C VAL B 438 4.69 19.74 -16.22
N MET B 439 3.62 19.27 -15.61
CA MET B 439 2.45 18.86 -16.36
C MET B 439 1.67 20.08 -16.84
N TYR B 440 1.39 20.14 -18.14
CA TYR B 440 0.60 21.25 -18.64
C TYR B 440 -0.73 20.69 -19.08
N PHE B 441 -1.66 20.58 -18.13
CA PHE B 441 -2.99 20.03 -18.40
C PHE B 441 -3.70 20.81 -19.51
N GLY B 442 -4.43 20.09 -20.35
CA GLY B 442 -5.16 20.71 -21.43
C GLY B 442 -6.50 21.15 -20.87
N GLY B 443 -6.88 22.39 -21.15
CA GLY B 443 -8.14 22.90 -20.63
C GLY B 443 -9.38 22.72 -21.48
N ASN B 444 -10.27 23.69 -21.43
CA ASN B 444 -11.50 23.60 -22.19
C ASN B 444 -11.44 24.12 -23.64
N SER B 445 -12.39 23.66 -24.44
CA SER B 445 -12.51 24.04 -25.85
C SER B 445 -13.61 25.09 -25.98
N ASP B 446 -14.70 24.89 -25.22
CA ASP B 446 -15.82 25.81 -25.21
C ASP B 446 -16.10 26.29 -23.78
N ALA B 447 -17.11 27.14 -23.61
CA ALA B 447 -17.41 27.67 -22.29
C ALA B 447 -18.39 26.90 -21.41
N SER B 448 -18.88 25.74 -21.87
CA SER B 448 -19.84 24.98 -21.05
C SER B 448 -19.47 23.50 -20.83
N THR B 449 -18.85 22.85 -21.81
CA THR B 449 -18.50 21.45 -21.64
C THR B 449 -17.49 21.23 -20.52
N ILE B 450 -17.60 20.09 -19.85
CA ILE B 450 -16.68 19.78 -18.77
C ILE B 450 -15.48 19.03 -19.28
N LYS B 451 -14.30 19.48 -18.87
CA LYS B 451 -13.04 18.84 -19.24
C LYS B 451 -12.51 18.04 -18.05
N GLU B 452 -12.35 16.75 -18.27
CA GLU B 452 -11.86 15.83 -17.26
C GLU B 452 -10.33 15.62 -17.36
N ASN B 453 -9.65 15.73 -16.24
CA ASN B 453 -8.20 15.56 -16.20
C ASN B 453 -7.79 14.70 -14.99
N GLN B 454 -7.02 13.67 -15.26
CA GLN B 454 -6.55 12.77 -14.22
C GLN B 454 -5.22 13.24 -13.62
N ILE B 455 -4.91 12.76 -12.43
CA ILE B 455 -3.64 13.07 -11.77
C ILE B 455 -2.88 11.73 -11.89
N ASP B 456 -1.80 11.67 -12.70
CA ASP B 456 -1.07 10.38 -12.95
C ASP B 456 -1.01 9.54 -11.69
N PRO B 457 -0.29 10.02 -10.66
CA PRO B 457 -0.20 9.27 -9.39
C PRO B 457 -0.90 10.11 -8.31
N PRO B 458 -1.80 9.51 -7.54
CA PRO B 458 -2.50 10.24 -6.48
C PRO B 458 -1.57 11.07 -5.62
N VAL B 459 -1.98 12.29 -5.27
CA VAL B 459 -1.12 13.12 -4.41
C VAL B 459 -1.83 13.51 -3.12
N VAL B 460 -1.06 13.74 -2.06
CA VAL B 460 -1.67 14.15 -0.81
C VAL B 460 -1.49 15.66 -0.68
N ALA B 461 -2.58 16.33 -0.34
CA ALA B 461 -2.51 17.77 -0.24
C ALA B 461 -3.67 18.29 0.55
N ARG B 462 -3.48 19.51 1.06
CA ARG B 462 -4.50 20.22 1.80
C ARG B 462 -4.78 21.52 1.05
N TYR B 463 -3.79 21.97 0.26
CA TYR B 463 -3.90 23.19 -0.54
C TYR B 463 -3.61 22.87 -1.99
N ILE B 464 -4.61 23.07 -2.85
CA ILE B 464 -4.46 22.82 -4.27
C ILE B 464 -4.38 24.20 -4.86
N ARG B 465 -3.41 24.45 -5.74
CA ARG B 465 -3.28 25.77 -6.35
C ARG B 465 -3.32 25.67 -7.86
N ILE B 466 -4.34 26.23 -8.46
CA ILE B 466 -4.51 26.18 -9.91
C ILE B 466 -4.19 27.51 -10.54
N SER B 467 -3.46 27.46 -11.65
CA SER B 467 -3.08 28.67 -12.37
C SER B 467 -3.13 28.47 -13.89
N PRO B 468 -3.95 29.27 -14.59
CA PRO B 468 -4.13 29.21 -16.05
C PRO B 468 -2.88 29.59 -16.82
N THR B 469 -2.51 28.80 -17.81
CA THR B 469 -1.34 29.14 -18.59
C THR B 469 -1.69 29.38 -20.06
N GLY B 470 -2.98 29.30 -20.37
CA GLY B 470 -3.45 29.53 -21.72
C GLY B 470 -4.95 29.77 -21.76
N SER B 471 -5.42 30.68 -22.61
CA SER B 471 -6.85 30.92 -22.67
C SER B 471 -7.38 31.53 -23.94
N TYR B 472 -8.70 31.61 -24.03
CA TYR B 472 -9.44 32.23 -25.15
C TYR B 472 -10.08 33.46 -24.50
N ASN B 473 -9.56 34.64 -24.81
CA ASN B 473 -10.02 35.91 -24.24
C ASN B 473 -9.48 36.07 -22.83
N LYS B 474 -10.08 35.37 -21.89
CA LYS B 474 -9.60 35.46 -20.53
C LYS B 474 -9.74 34.10 -19.86
N PRO B 475 -8.78 33.75 -18.99
CA PRO B 475 -8.80 32.45 -18.30
C PRO B 475 -9.97 32.42 -17.31
N ALA B 476 -11.08 31.83 -17.72
CA ALA B 476 -12.20 31.74 -16.82
C ALA B 476 -12.07 30.35 -16.29
N LEU B 477 -12.61 30.09 -15.11
CA LEU B 477 -12.57 28.75 -14.56
C LEU B 477 -13.66 28.51 -13.59
N ARG B 478 -14.37 27.41 -13.80
CA ARG B 478 -15.40 26.93 -12.89
C ARG B 478 -14.78 25.54 -12.78
N LEU B 479 -14.47 25.11 -11.56
CA LEU B 479 -13.81 23.83 -11.41
C LEU B 479 -14.29 22.95 -10.27
N GLU B 480 -13.90 21.69 -10.32
CA GLU B 480 -14.19 20.74 -9.28
C GLU B 480 -12.96 19.86 -9.09
N LEU B 481 -12.60 19.56 -7.85
CA LEU B 481 -11.45 18.68 -7.59
C LEU B 481 -12.04 17.31 -7.25
N GLN B 482 -11.28 16.25 -7.51
CA GLN B 482 -11.78 14.92 -7.21
C GLN B 482 -10.77 14.14 -6.37
N GLY B 483 -11.29 13.30 -5.48
CA GLY B 483 -10.44 12.50 -4.62
C GLY B 483 -11.17 11.70 -3.55
N CYS B 484 -10.60 11.69 -2.35
CA CYS B 484 -11.17 10.97 -1.20
C CYS B 484 -10.31 11.22 0.03
N GLU B 485 -10.58 10.47 1.08
CA GLU B 485 -9.85 10.60 2.32
C GLU B 485 -8.60 9.74 2.19
N VAL B 486 -7.48 10.25 2.68
CA VAL B 486 -6.21 9.55 2.58
C VAL B 486 -6.22 8.18 3.25
N ASN B 487 -6.94 8.07 4.37
CA ASN B 487 -6.99 6.81 5.08
C ASN B 487 -7.92 5.77 4.52
N GLY B 488 -8.50 6.07 3.36
CA GLY B 488 -9.38 5.10 2.73
C GLY B 488 -10.63 4.77 3.50
N CYS B 489 -11.39 3.83 2.95
CA CYS B 489 -12.66 3.42 3.51
C CYS B 489 -13.46 4.71 3.64
N SER B 490 -13.71 5.34 2.50
CA SER B 490 -14.44 6.59 2.45
C SER B 490 -15.18 6.83 1.14
N THR B 491 -15.53 5.75 0.44
CA THR B 491 -16.24 5.83 -0.84
C THR B 491 -17.74 5.51 -0.66
N PRO B 492 -18.58 5.94 -1.63
CA PRO B 492 -20.03 5.72 -1.59
C PRO B 492 -20.38 4.24 -1.43
N LEU B 493 -21.50 3.97 -0.76
CA LEU B 493 -21.95 2.60 -0.55
C LEU B 493 -23.04 2.10 -1.51
N GLY B 494 -23.68 2.98 -2.27
CA GLY B 494 -24.69 2.52 -3.20
C GLY B 494 -25.94 3.38 -3.45
N MET B 495 -26.12 4.41 -2.65
CA MET B 495 -27.27 5.27 -2.80
C MET B 495 -27.31 5.94 -4.17
N GLU B 496 -26.23 6.60 -4.55
CA GLU B 496 -26.22 7.29 -5.83
C GLU B 496 -25.99 6.43 -7.08
N SER B 497 -25.22 5.36 -6.98
CA SER B 497 -24.97 4.52 -8.16
C SER B 497 -26.16 3.61 -8.43
N GLY B 498 -26.50 2.82 -7.43
CA GLY B 498 -27.59 1.88 -7.56
C GLY B 498 -27.18 0.54 -6.97
N LYS B 499 -25.89 0.40 -6.68
CA LYS B 499 -25.40 -0.84 -6.11
C LYS B 499 -26.36 -1.18 -4.98
N ILE B 500 -26.85 -0.14 -4.30
CA ILE B 500 -27.83 -0.33 -3.23
C ILE B 500 -29.17 -0.29 -3.96
N GLU B 501 -29.83 -1.43 -4.07
CA GLU B 501 -31.11 -1.49 -4.76
C GLU B 501 -32.29 -0.98 -3.95
N ASN B 502 -33.32 -0.51 -4.65
CA ASN B 502 -34.53 0.04 -4.04
C ASN B 502 -35.09 -0.81 -2.89
N LYS B 503 -35.26 -2.09 -3.14
CA LYS B 503 -35.79 -3.01 -2.13
C LYS B 503 -34.86 -3.11 -0.92
N GLN B 504 -34.23 -2.00 -0.55
CA GLN B 504 -33.32 -1.93 0.59
C GLN B 504 -33.59 -0.69 1.41
N ILE B 505 -34.22 0.30 0.79
CA ILE B 505 -34.54 1.54 1.47
C ILE B 505 -36.01 1.49 1.84
N THR B 506 -36.30 1.60 3.13
CA THR B 506 -37.67 1.55 3.60
C THR B 506 -37.84 2.55 4.72
N ALA B 507 -38.86 3.40 4.60
CA ALA B 507 -39.13 4.42 5.61
C ALA B 507 -40.47 4.23 6.31
N SER B 508 -40.57 4.82 7.49
CA SER B 508 -41.78 4.75 8.28
C SER B 508 -42.99 5.17 7.42
N SER B 509 -42.98 6.40 6.95
CA SER B 509 -44.08 6.90 6.13
C SER B 509 -43.55 7.57 4.86
N PHE B 510 -44.45 7.79 3.91
CA PHE B 510 -44.10 8.47 2.66
C PHE B 510 -45.35 9.08 2.02
N LYS B 511 -45.16 10.02 1.11
CA LYS B 511 -46.27 10.68 0.45
C LYS B 511 -46.69 10.05 -0.87
N LYS B 512 -47.88 10.41 -1.32
CA LYS B 512 -48.48 9.93 -2.56
C LYS B 512 -49.70 10.78 -2.93
N SER B 513 -49.50 12.08 -3.16
CA SER B 513 -50.60 12.96 -3.53
C SER B 513 -51.23 12.49 -4.85
N TRP B 514 -52.56 12.39 -4.86
CA TRP B 514 -53.31 11.93 -6.04
C TRP B 514 -53.10 12.70 -7.33
N TRP B 515 -52.06 13.54 -7.36
CA TRP B 515 -51.75 14.33 -8.55
C TRP B 515 -50.58 13.65 -9.23
N GLY B 516 -50.50 12.33 -9.06
CA GLY B 516 -49.44 11.56 -9.66
C GLY B 516 -48.07 11.77 -9.02
N ASN B 517 -48.07 12.27 -7.78
CA ASN B 517 -46.81 12.52 -7.07
C ASN B 517 -46.62 11.58 -5.89
N TYR B 518 -45.72 10.60 -6.07
CA TYR B 518 -45.41 9.61 -5.04
C TYR B 518 -43.94 9.70 -4.67
N TRP B 519 -43.66 9.95 -3.40
CA TRP B 519 -42.29 10.07 -2.95
C TRP B 519 -41.82 8.86 -2.15
N GLU B 520 -41.69 7.71 -2.81
CA GLU B 520 -41.23 6.50 -2.13
C GLU B 520 -39.85 6.72 -1.49
N PRO B 521 -39.57 6.03 -0.36
CA PRO B 521 -38.32 6.09 0.40
C PRO B 521 -37.04 5.79 -0.37
N PHE B 522 -37.10 4.79 -1.25
CA PHE B 522 -35.93 4.41 -2.03
C PHE B 522 -35.52 5.45 -3.09
N LEU B 523 -36.03 6.68 -2.94
CA LEU B 523 -35.71 7.74 -3.88
C LEU B 523 -34.75 8.73 -3.24
N ALA B 524 -34.48 8.51 -1.95
CA ALA B 524 -33.57 9.37 -1.20
C ALA B 524 -32.14 9.07 -1.67
N ARG B 525 -31.92 9.18 -2.97
CA ARG B 525 -30.62 8.95 -3.57
C ARG B 525 -29.93 10.26 -3.94
N LEU B 526 -28.92 10.62 -3.16
CA LEU B 526 -28.12 11.84 -3.35
C LEU B 526 -27.96 12.14 -4.84
N ASN B 527 -28.35 13.35 -5.24
CA ASN B 527 -28.28 13.82 -6.64
C ASN B 527 -29.36 13.23 -7.55
N ALA B 528 -30.61 13.27 -7.12
CA ALA B 528 -31.70 12.71 -7.90
C ALA B 528 -32.36 13.79 -8.75
N GLN B 529 -32.87 13.41 -9.92
CA GLN B 529 -33.52 14.39 -10.78
C GLN B 529 -34.79 13.87 -11.48
N GLY B 530 -35.60 14.81 -11.96
CA GLY B 530 -36.82 14.45 -12.65
C GLY B 530 -38.13 14.71 -11.92
N ARG B 531 -39.04 13.75 -12.06
CA ARG B 531 -40.37 13.81 -11.45
C ARG B 531 -40.30 13.93 -9.92
N VAL B 532 -40.44 12.81 -9.23
CA VAL B 532 -40.34 12.81 -7.78
C VAL B 532 -38.92 12.34 -7.49
N ASN B 533 -38.09 13.30 -7.11
CA ASN B 533 -36.67 13.05 -6.85
C ASN B 533 -36.25 12.99 -5.40
N ALA B 534 -37.00 12.31 -4.54
CA ALA B 534 -36.60 12.24 -3.14
C ALA B 534 -37.57 11.47 -2.27
N TRP B 535 -37.37 11.59 -0.96
CA TRP B 535 -38.23 10.94 0.04
C TRP B 535 -39.04 12.00 0.75
N GLN B 536 -40.35 11.83 0.77
CA GLN B 536 -41.22 12.78 1.44
C GLN B 536 -41.83 12.09 2.65
N ALA B 537 -41.74 12.73 3.82
CA ALA B 537 -42.32 12.18 5.03
C ALA B 537 -43.80 12.48 5.04
N LYS B 538 -44.63 11.43 4.97
CA LYS B 538 -46.07 11.59 4.96
C LYS B 538 -46.52 12.51 6.08
N ALA B 539 -45.73 12.54 7.15
CA ALA B 539 -46.01 13.39 8.29
C ALA B 539 -44.73 14.12 8.71
N ASN B 540 -44.86 15.37 9.13
CA ASN B 540 -43.72 16.14 9.58
C ASN B 540 -43.85 16.36 11.08
N ASN B 541 -43.57 15.30 11.84
CA ASN B 541 -43.67 15.30 13.29
C ASN B 541 -42.31 15.34 14.01
N ASN B 542 -41.77 14.17 14.31
CA ASN B 542 -40.50 14.05 14.99
C ASN B 542 -40.01 12.60 15.02
N ASN B 543 -40.96 11.66 15.08
CA ASN B 543 -40.57 10.26 15.09
C ASN B 543 -40.81 9.61 13.73
N GLN B 544 -40.14 10.13 12.71
CA GLN B 544 -40.21 9.60 11.36
C GLN B 544 -38.83 9.01 11.12
N TRP B 545 -38.73 8.04 10.21
CA TRP B 545 -37.44 7.46 9.94
C TRP B 545 -37.22 6.91 8.54
N LEU B 546 -35.97 7.00 8.11
CA LEU B 546 -35.53 6.51 6.81
C LEU B 546 -34.39 5.55 7.15
N GLN B 547 -34.50 4.31 6.71
CA GLN B 547 -33.45 3.34 6.97
C GLN B 547 -33.03 2.61 5.71
N ILE B 548 -31.77 2.19 5.68
CA ILE B 548 -31.19 1.49 4.55
C ILE B 548 -30.64 0.13 4.99
N ASP B 549 -30.80 -0.86 4.13
CA ASP B 549 -30.35 -2.23 4.41
C ASP B 549 -29.08 -2.50 3.63
N LEU B 550 -27.94 -2.37 4.29
CA LEU B 550 -26.64 -2.61 3.66
C LEU B 550 -26.41 -4.10 3.39
N LEU B 551 -27.49 -4.87 3.53
CA LEU B 551 -27.48 -6.32 3.31
C LEU B 551 -26.43 -7.11 4.09
N LYS B 552 -25.39 -6.43 4.57
CA LYS B 552 -24.32 -7.07 5.33
C LYS B 552 -23.80 -6.02 6.32
N ILE B 553 -22.91 -6.43 7.22
CA ILE B 553 -22.34 -5.48 8.15
C ILE B 553 -21.25 -4.74 7.37
N LYS B 554 -21.32 -3.42 7.34
CA LYS B 554 -20.34 -2.61 6.63
C LYS B 554 -19.66 -1.67 7.62
N LYS B 555 -18.70 -0.89 7.12
CA LYS B 555 -17.99 0.09 7.93
C LYS B 555 -18.47 1.47 7.45
N ILE B 556 -19.39 2.08 8.19
CA ILE B 556 -19.96 3.38 7.82
C ILE B 556 -19.11 4.55 8.37
N THR B 557 -18.44 5.28 7.48
CA THR B 557 -17.58 6.39 7.89
C THR B 557 -18.20 7.79 7.79
N ALA B 558 -19.23 7.95 6.94
CA ALA B 558 -19.88 9.24 6.82
C ALA B 558 -21.24 9.20 6.11
N ILE B 559 -21.83 10.38 5.98
CA ILE B 559 -23.14 10.57 5.35
C ILE B 559 -23.27 11.96 4.70
N VAL B 560 -23.99 12.02 3.58
CA VAL B 560 -24.21 13.28 2.87
C VAL B 560 -25.73 13.49 2.73
N THR B 561 -26.22 14.63 3.18
CA THR B 561 -27.65 14.86 3.10
C THR B 561 -27.99 16.01 2.16
N GLN B 562 -29.12 15.88 1.47
CA GLN B 562 -29.55 16.88 0.53
C GLN B 562 -31.08 17.06 0.49
N GLY B 563 -31.52 18.30 0.40
CA GLY B 563 -32.94 18.59 0.37
C GLY B 563 -33.61 18.24 -0.94
N CYS B 564 -34.60 19.03 -1.32
CA CYS B 564 -35.34 18.83 -2.55
C CYS B 564 -36.15 20.06 -2.90
N LYS B 565 -36.09 20.46 -4.17
CA LYS B 565 -36.79 21.65 -4.65
C LYS B 565 -37.79 21.30 -5.73
N SER B 566 -38.95 20.80 -5.30
CA SER B 566 -39.99 20.43 -6.24
C SER B 566 -41.27 21.18 -5.92
N LEU B 567 -42.11 21.33 -6.94
CA LEU B 567 -43.38 22.04 -6.82
C LEU B 567 -43.13 23.43 -6.24
N SER B 568 -42.01 24.04 -6.64
CA SER B 568 -41.65 25.37 -6.17
C SER B 568 -41.62 25.52 -4.65
N SER B 569 -41.26 24.47 -3.93
CA SER B 569 -41.20 24.55 -2.48
C SER B 569 -39.94 23.91 -1.90
N GLU B 570 -39.04 24.75 -1.40
CA GLU B 570 -37.79 24.31 -0.81
C GLU B 570 -37.94 23.69 0.59
N MET B 571 -37.98 22.36 0.61
CA MET B 571 -38.13 21.58 1.84
C MET B 571 -36.88 20.70 2.02
N TYR B 572 -36.40 20.60 3.25
CA TYR B 572 -35.21 19.79 3.53
C TYR B 572 -35.01 19.49 5.02
N VAL B 573 -34.29 18.41 5.31
CA VAL B 573 -33.99 18.01 6.69
C VAL B 573 -32.87 18.85 7.27
N LYS B 574 -33.17 19.62 8.31
CA LYS B 574 -32.19 20.48 8.96
C LYS B 574 -31.35 19.82 10.07
N SER B 575 -31.83 18.72 10.63
CA SER B 575 -31.10 18.01 11.68
C SER B 575 -31.61 16.59 11.82
N TYR B 576 -30.72 15.68 12.19
CA TYR B 576 -31.08 14.29 12.35
C TYR B 576 -30.36 13.58 13.49
N THR B 577 -30.54 12.26 13.53
CA THR B 577 -29.94 11.40 14.54
C THR B 577 -29.81 10.02 13.91
N ILE B 578 -28.73 9.32 14.20
CA ILE B 578 -28.52 8.02 13.59
C ILE B 578 -28.70 6.85 14.56
N HIS B 579 -29.31 5.79 14.04
CA HIS B 579 -29.56 4.56 14.79
C HIS B 579 -29.08 3.43 13.88
N TYR B 580 -28.37 2.46 14.44
CA TYR B 580 -27.87 1.34 13.66
C TYR B 580 -28.19 0.00 14.28
N SER B 581 -28.51 -0.96 13.42
CA SER B 581 -28.86 -2.31 13.86
C SER B 581 -28.05 -3.34 13.07
N ASP B 582 -27.82 -4.50 13.67
CA ASP B 582 -27.07 -5.57 13.02
C ASP B 582 -27.98 -6.66 12.47
N GLN B 583 -28.98 -7.03 13.26
CA GLN B 583 -29.92 -8.07 12.86
C GLN B 583 -31.21 -7.51 12.26
N GLY B 584 -31.64 -6.33 12.70
CA GLY B 584 -32.85 -5.73 12.17
C GLY B 584 -33.57 -4.84 13.18
N THR B 585 -34.00 -5.44 14.28
CA THR B 585 -34.69 -4.73 15.36
C THR B 585 -33.66 -4.29 16.40
N ASP B 586 -34.11 -3.51 17.39
CA ASP B 586 -33.22 -3.02 18.45
C ASP B 586 -32.25 -2.00 17.85
N TRP B 587 -32.32 -0.76 18.33
CA TRP B 587 -31.47 0.30 17.83
C TRP B 587 -30.65 0.99 18.92
N LYS B 588 -29.44 1.41 18.55
CA LYS B 588 -28.55 2.09 19.49
C LYS B 588 -28.22 3.48 18.96
N PRO B 589 -28.90 4.50 19.49
CA PRO B 589 -28.66 5.88 19.05
C PRO B 589 -27.18 6.24 19.09
N TYR B 590 -26.64 6.65 17.95
CA TYR B 590 -25.24 7.03 17.86
C TYR B 590 -24.96 8.15 18.85
N ARG B 591 -24.03 7.93 19.76
CA ARG B 591 -23.68 8.93 20.77
C ARG B 591 -22.19 9.26 20.70
N GLU B 592 -21.82 10.42 21.23
CA GLU B 592 -20.44 10.87 21.22
C GLU B 592 -19.52 9.99 22.08
N LYS B 593 -18.21 10.27 21.98
CA LYS B 593 -17.17 9.55 22.71
C LYS B 593 -17.53 9.42 24.19
N SER B 594 -18.39 10.31 24.68
CA SER B 594 -18.80 10.29 26.08
C SER B 594 -20.12 11.04 26.32
N SER B 595 -21.21 10.29 26.44
CA SER B 595 -22.54 10.87 26.69
C SER B 595 -23.62 9.81 26.75
N MET B 596 -24.85 10.24 27.01
CA MET B 596 -26.00 9.32 27.10
C MET B 596 -27.11 9.83 26.17
N VAL B 597 -27.01 11.10 25.77
CA VAL B 597 -27.98 11.70 24.88
C VAL B 597 -27.61 11.30 23.45
N ASP B 598 -28.60 11.29 22.57
CA ASP B 598 -28.38 10.94 21.18
C ASP B 598 -27.60 12.04 20.47
N LYS B 599 -26.95 11.66 19.36
CA LYS B 599 -26.15 12.59 18.58
C LYS B 599 -26.99 13.42 17.61
N ILE B 600 -26.76 14.74 17.65
CA ILE B 600 -27.47 15.66 16.79
C ILE B 600 -26.53 16.15 15.70
N PHE B 601 -26.68 15.61 14.50
CA PHE B 601 -25.86 15.98 13.36
C PHE B 601 -26.48 17.14 12.62
N GLU B 602 -25.71 18.21 12.40
CA GLU B 602 -26.24 19.35 11.67
C GLU B 602 -26.39 18.98 10.20
N GLY B 603 -27.57 19.21 9.67
CA GLY B 603 -27.84 18.89 8.27
C GLY B 603 -27.66 20.09 7.38
N ASN B 604 -28.41 20.13 6.27
CA ASN B 604 -28.28 21.24 5.34
C ASN B 604 -29.09 22.46 5.68
N ASN B 605 -28.70 23.58 5.08
CA ASN B 605 -29.36 24.85 5.30
C ASN B 605 -29.92 25.39 3.99
N ASN B 606 -30.11 24.51 3.01
CA ASN B 606 -30.67 24.90 1.71
C ASN B 606 -31.15 23.69 0.92
N VAL B 607 -31.88 23.98 -0.15
CA VAL B 607 -32.48 22.96 -1.01
C VAL B 607 -31.58 22.03 -1.83
N ARG B 608 -30.54 22.57 -2.46
CA ARG B 608 -29.66 21.75 -3.29
C ARG B 608 -28.30 21.37 -2.69
N GLY B 609 -27.78 22.22 -1.81
CA GLY B 609 -26.48 21.96 -1.23
C GLY B 609 -26.29 20.67 -0.47
N HIS B 610 -25.05 20.18 -0.47
CA HIS B 610 -24.69 18.94 0.22
C HIS B 610 -24.10 19.31 1.57
N VAL B 611 -24.20 18.40 2.53
CA VAL B 611 -23.61 18.60 3.84
C VAL B 611 -23.12 17.23 4.28
N LYS B 612 -21.83 17.17 4.64
CA LYS B 612 -21.21 15.92 5.04
C LYS B 612 -20.95 15.81 6.53
N ASN B 613 -21.26 14.63 7.06
CA ASN B 613 -21.03 14.35 8.46
C ASN B 613 -20.22 13.07 8.54
N PHE B 614 -19.21 13.09 9.39
CA PHE B 614 -18.32 11.96 9.59
C PHE B 614 -18.60 11.33 10.94
N PHE B 615 -18.45 10.02 11.05
CA PHE B 615 -18.66 9.34 12.32
C PHE B 615 -17.28 9.13 12.92
N ASN B 616 -16.92 9.91 13.95
CA ASN B 616 -15.61 9.76 14.60
C ASN B 616 -15.40 8.26 14.75
N PRO B 617 -16.20 7.60 15.60
CA PRO B 617 -15.98 6.16 15.68
C PRO B 617 -16.91 5.60 14.59
N PRO B 618 -16.35 4.89 13.61
CA PRO B 618 -17.19 4.32 12.55
C PRO B 618 -18.39 3.53 13.04
N ILE B 619 -19.35 3.31 12.16
CA ILE B 619 -20.52 2.52 12.51
C ILE B 619 -20.35 1.15 11.88
N ILE B 620 -20.51 0.10 12.67
CA ILE B 620 -20.36 -1.23 12.14
C ILE B 620 -21.72 -1.88 12.27
N SER B 621 -22.44 -1.98 11.17
CA SER B 621 -23.76 -2.58 11.22
C SER B 621 -24.28 -2.86 9.83
N ARG B 622 -25.56 -3.21 9.77
CA ARG B 622 -26.18 -3.51 8.50
C ARG B 622 -27.33 -2.55 8.24
N PHE B 623 -27.91 -2.01 9.31
CA PHE B 623 -29.03 -1.09 9.20
C PHE B 623 -28.66 0.28 9.72
N ILE B 624 -29.02 1.30 8.97
CA ILE B 624 -28.75 2.67 9.38
C ILE B 624 -30.06 3.43 9.31
N ARG B 625 -30.30 4.26 10.31
CA ARG B 625 -31.53 5.04 10.37
C ARG B 625 -31.32 6.53 10.58
N ILE B 626 -31.98 7.33 9.76
CA ILE B 626 -31.86 8.76 9.88
C ILE B 626 -33.16 9.24 10.52
N ILE B 627 -33.04 9.94 11.63
CA ILE B 627 -34.20 10.42 12.36
C ILE B 627 -34.31 11.94 12.31
N PRO B 628 -35.08 12.46 11.34
CA PRO B 628 -35.23 13.91 11.24
C PRO B 628 -35.69 14.49 12.58
N LYS B 629 -35.06 15.57 13.02
CA LYS B 629 -35.37 16.23 14.28
C LYS B 629 -35.84 17.65 14.03
N THR B 630 -35.36 18.25 12.94
CA THR B 630 -35.76 19.60 12.60
C THR B 630 -35.66 19.75 11.08
N TRP B 631 -36.33 20.75 10.52
CA TRP B 631 -36.34 20.91 9.07
C TRP B 631 -36.89 22.27 8.62
N ASN B 632 -37.21 22.36 7.33
CA ASN B 632 -37.76 23.58 6.76
C ASN B 632 -38.91 23.25 5.81
N GLN B 633 -40.10 23.75 6.15
CA GLN B 633 -41.32 23.52 5.38
C GLN B 633 -41.85 22.09 5.28
N SER B 634 -40.96 21.14 4.96
CA SER B 634 -41.37 19.74 4.85
C SER B 634 -40.17 18.79 4.92
N ILE B 635 -40.40 17.61 5.47
CA ILE B 635 -39.36 16.60 5.61
C ILE B 635 -39.19 15.76 4.35
N ALA B 636 -38.14 16.08 3.58
CA ALA B 636 -37.81 15.36 2.36
C ALA B 636 -36.32 15.04 2.36
N LEU B 637 -35.92 14.02 1.60
CA LEU B 637 -34.51 13.67 1.58
C LEU B 637 -33.96 13.05 0.32
N ARG B 638 -32.63 13.16 0.22
CA ARG B 638 -31.78 12.62 -0.84
C ARG B 638 -30.44 12.47 -0.12
N LEU B 639 -29.96 11.25 0.04
CA LEU B 639 -28.69 11.04 0.74
C LEU B 639 -27.77 9.97 0.15
N GLU B 640 -26.56 9.89 0.71
CA GLU B 640 -25.56 8.90 0.29
C GLU B 640 -24.71 8.60 1.50
N LEU B 641 -24.29 7.36 1.63
CA LEU B 641 -23.47 6.92 2.76
C LEU B 641 -22.03 6.70 2.31
N PHE B 642 -21.12 6.53 3.26
CA PHE B 642 -19.72 6.27 2.93
C PHE B 642 -19.11 5.26 3.88
N GLY B 643 -18.32 4.35 3.30
CA GLY B 643 -17.67 3.32 4.09
C GLY B 643 -17.18 2.23 3.16
N CYS B 644 -16.77 1.11 3.73
CA CYS B 644 -16.27 0.01 2.94
C CYS B 644 -16.67 -1.36 3.52
N ASP B 645 -16.35 -2.42 2.79
CA ASP B 645 -16.64 -3.79 3.24
C ASP B 645 -15.75 -4.15 4.44
N MET B 646 -16.09 -5.23 5.14
CA MET B 646 -15.31 -5.64 6.29
C MET B 646 -14.88 -7.12 6.23
C1 NAG C . 17.28 -14.67 33.36
C2 NAG C . 16.66 -13.48 34.10
C3 NAG C . 15.96 -13.95 35.39
C4 NAG C . 15.74 -15.47 35.39
C5 NAG C . 17.09 -16.21 35.23
C6 NAG C . 16.91 -17.63 34.75
C7 NAG C . 18.22 -11.73 33.47
C8 NAG C . 19.52 -12.20 32.85
N2 NAG C . 17.69 -12.50 34.43
O3 NAG C . 14.69 -13.30 35.51
O4 NAG C . 15.12 -15.87 36.60
O5 NAG C . 17.97 -15.54 34.28
O6 NAG C . 18.01 -18.44 35.17
O7 NAG C . 17.70 -10.67 33.11
C1 NAG D . 26.97 -28.98 19.31
C2 NAG D . 28.21 -28.52 18.54
C3 NAG D . 28.67 -27.16 19.11
C4 NAG D . 27.51 -26.15 19.05
C5 NAG D . 26.25 -26.73 19.72
C6 NAG D . 25.04 -25.86 19.53
C7 NAG D . 29.86 -29.97 17.56
C8 NAG D . 31.14 -29.28 17.12
N2 NAG D . 29.26 -29.51 18.66
O3 NAG D . 29.78 -26.69 18.36
O4 NAG D . 27.88 -24.94 19.70
O5 NAG D . 25.92 -28.02 19.16
O6 NAG D . 23.91 -26.64 19.15
O7 NAG D . 29.43 -30.93 16.91
CA CA E . -3.77 -4.16 13.52
C1 NAG F . 34.91 22.07 -12.59
C2 NAG F . 35.56 23.36 -12.10
C3 NAG F . 37.07 23.27 -12.35
C4 NAG F . 37.66 22.01 -11.67
C5 NAG F . 36.84 20.75 -12.01
C6 NAG F . 37.23 19.56 -11.14
C7 NAG F . 35.22 25.75 -12.35
C8 NAG F . 36.30 26.55 -13.08
N2 NAG F . 35.00 24.51 -12.79
O3 NAG F . 37.73 24.42 -11.84
O4 NAG F . 39.00 21.81 -12.10
O5 NAG F . 35.42 20.98 -11.80
O6 NAG F . 37.58 19.96 -9.83
O7 NAG F . 34.61 26.25 -11.41
C1 NAG G . 2.02 -11.95 -16.45
C2 NAG G . 1.03 -10.81 -16.23
C3 NAG G . 0.16 -10.53 -17.47
C4 NAG G . 1.06 -10.36 -18.69
C5 NAG G . 1.96 -11.59 -18.82
C6 NAG G . 2.88 -11.49 -20.02
C7 NAG G . 0.14 -10.32 -14.04
C8 NAG G . -1.14 -10.30 -13.21
N2 NAG G . 0.17 -11.13 -15.09
O3 NAG G . -0.59 -9.34 -17.29
O4 NAG G . 0.26 -10.21 -19.87
O5 NAG G . 2.78 -11.72 -17.64
O6 NAG G . 3.42 -10.18 -20.15
O7 NAG G . 1.09 -9.59 -13.71
C1 NAG H . -0.62 9.53 -18.52
C2 NAG H . -0.23 8.22 -19.24
C3 NAG H . -0.08 8.46 -20.74
C4 NAG H . -1.39 8.96 -21.35
C5 NAG H . -2.20 9.81 -20.35
C6 NAG H . -3.27 9.03 -19.56
C7 NAG H . 1.30 6.39 -18.80
C8 NAG H . 2.36 5.87 -17.85
N2 NAG H . 1.00 7.69 -18.69
O3 NAG H . 0.32 7.25 -21.38
O4 NAG H . -1.10 9.75 -22.50
O5 NAG H . -1.31 10.44 -19.39
O6 NAG H . -3.19 7.63 -19.80
O7 NAG H . 0.78 5.64 -19.62
CU CU I . 7.08 -7.56 7.49
#